data_5SWW
#
_entry.id   5SWW
#
_cell.length_a   90.148
_cell.length_b   90.199
_cell.length_c   167.257
_cell.angle_alpha   90.00
_cell.angle_beta   90.00
_cell.angle_gamma   90.00
#
_symmetry.space_group_name_H-M   'P 2 2 21'
#
loop_
_entity.id
_entity.type
_entity.pdbx_description
1 polymer 'DNA dC->dU-editing enzyme APOBEC-3A'
2 polymer 'DNA 15-Mer'
3 non-polymer 'ZINC ION'
4 non-polymer GLYCEROL
5 water water
#
loop_
_entity_poly.entity_id
_entity_poly.type
_entity_poly.pdbx_seq_one_letter_code
_entity_poly.pdbx_strand_id
1 'polypeptide(L)'
;GPLGSPEFMEASPASGPRHLMDPHIFTSNFNNGIGRHKTYLCYEVERLDNGTSVKMDQHRGFLHNQAKNLLCGFYGRHAA
LRFLDLVPSLQLDPAQIYRVTWFISWSPCFSWGCAGEVRAFLQENTHVRLRIFAARIYDYDPLYKEALQMLRDAGAQVSI
MTYDEFKHCWDTFVDHQGCPFQPWDGLDEHSQALSGRLRAILQN
;
A,B,C,D
2 'polydeoxyribonucleotide' (DA)(DA)(DA)(DA)(DA)(DA)(DA)(DT)(DC)(DG)(DG)(DG)(DA)(DA)(DA) E,F,G,H
#
# COMPACT_ATOMS: atom_id res chain seq x y z
N ARG A 18 -0.04 -32.85 18.73
CA ARG A 18 0.15 -32.60 17.32
C ARG A 18 -1.20 -32.31 16.65
N HIS A 19 -2.23 -32.20 17.49
CA HIS A 19 -3.58 -31.84 17.06
C HIS A 19 -3.75 -30.34 17.19
N LEU A 20 -4.00 -29.66 16.06
CA LEU A 20 -4.01 -28.21 16.05
C LEU A 20 -5.40 -27.69 16.41
N MET A 21 -5.53 -26.36 16.39
CA MET A 21 -6.73 -25.67 16.86
C MET A 21 -7.55 -25.14 15.68
N ASP A 22 -8.86 -25.21 15.82
CA ASP A 22 -9.75 -24.71 14.78
C ASP A 22 -9.61 -23.19 14.68
N PRO A 23 -9.54 -22.64 13.46
CA PRO A 23 -9.34 -21.18 13.35
C PRO A 23 -10.46 -20.35 13.95
N HIS A 24 -11.71 -20.77 13.78
CA HIS A 24 -12.83 -20.02 14.34
C HIS A 24 -12.81 -20.01 15.87
N ILE A 25 -12.34 -21.10 16.49
CA ILE A 25 -12.21 -21.12 17.93
C ILE A 25 -11.16 -20.11 18.39
N PHE A 26 -10.03 -20.05 17.68
CA PHE A 26 -8.97 -19.11 18.03
C PHE A 26 -9.44 -17.67 17.88
N THR A 27 -9.89 -17.30 16.68
CA THR A 27 -10.36 -15.95 16.43
C THR A 27 -11.61 -15.59 17.23
N SER A 28 -12.29 -16.59 17.80
CA SER A 28 -13.45 -16.33 18.65
C SER A 28 -13.06 -16.08 20.09
N ASN A 29 -12.10 -16.85 20.63
CA ASN A 29 -11.75 -16.73 22.04
C ASN A 29 -10.67 -15.69 22.31
N PHE A 30 -9.65 -15.62 21.46
CA PHE A 30 -8.53 -14.72 21.68
C PHE A 30 -8.81 -13.30 21.20
N ASN A 31 -10.05 -12.97 20.85
CA ASN A 31 -10.40 -11.60 20.48
C ASN A 31 -10.34 -10.71 21.71
N ASN A 32 -9.42 -9.74 21.70
CA ASN A 32 -9.24 -8.85 22.84
C ASN A 32 -10.25 -7.70 22.87
N GLY A 33 -11.27 -7.74 22.01
CA GLY A 33 -12.30 -6.73 22.04
C GLY A 33 -13.58 -7.22 22.68
N ILE A 34 -13.94 -8.48 22.39
CA ILE A 34 -15.13 -9.12 22.92
C ILE A 34 -14.69 -10.20 23.89
N GLY A 35 -15.31 -10.24 25.06
CA GLY A 35 -14.96 -11.21 26.09
C GLY A 35 -15.90 -12.40 26.03
N ARG A 36 -15.32 -13.59 25.92
CA ARG A 36 -16.09 -14.81 25.79
C ARG A 36 -16.34 -15.47 27.15
N HIS A 37 -17.27 -16.43 27.15
CA HIS A 37 -17.57 -17.23 28.32
C HIS A 37 -16.73 -18.50 28.40
N LYS A 38 -15.59 -18.52 27.71
CA LYS A 38 -14.66 -19.65 27.76
C LYS A 38 -13.24 -19.11 27.84
N THR A 39 -12.30 -20.01 28.16
CA THR A 39 -10.90 -19.64 28.28
C THR A 39 -10.04 -20.70 27.63
N TYR A 40 -9.12 -20.27 26.76
CA TYR A 40 -8.16 -21.15 26.12
C TYR A 40 -6.74 -20.76 26.55
N LEU A 41 -5.83 -21.72 26.41
CA LEU A 41 -4.45 -21.54 26.86
C LEU A 41 -3.53 -22.27 25.89
N CYS A 42 -2.66 -21.52 25.21
CA CYS A 42 -1.65 -22.09 24.33
C CYS A 42 -0.30 -22.03 25.07
N TYR A 43 0.23 -23.20 25.43
CA TYR A 43 1.43 -23.28 26.23
C TYR A 43 2.61 -23.78 25.39
N GLU A 44 3.78 -23.24 25.66
CA GLU A 44 5.04 -23.73 25.12
C GLU A 44 6.00 -23.98 26.26
N VAL A 45 6.82 -25.03 26.13
CA VAL A 45 7.82 -25.37 27.12
C VAL A 45 9.15 -25.52 26.39
N GLU A 46 10.12 -24.66 26.72
CA GLU A 46 11.39 -24.61 26.03
C GLU A 46 12.52 -24.85 27.04
N ARG A 47 13.43 -25.76 26.71
CA ARG A 47 14.60 -26.00 27.52
C ARG A 47 15.62 -24.87 27.34
N LEU A 48 16.43 -24.67 28.37
CA LEU A 48 17.39 -23.57 28.42
C LEU A 48 18.80 -24.12 28.66
N ASP A 49 19.72 -23.22 28.97
CA ASP A 49 21.10 -23.59 29.26
C ASP A 49 21.54 -23.02 30.61
N SER A 53 22.00 -29.41 27.67
CA SER A 53 22.39 -29.25 26.27
C SER A 53 21.98 -27.88 25.74
N VAL A 54 21.80 -27.78 24.43
CA VAL A 54 21.47 -26.50 23.81
C VAL A 54 19.98 -26.19 24.03
N LYS A 55 19.64 -24.91 23.92
CA LYS A 55 18.25 -24.48 24.03
C LYS A 55 17.40 -25.13 22.94
N MET A 56 16.33 -25.78 23.36
CA MET A 56 15.48 -26.54 22.45
C MET A 56 14.01 -26.18 22.64
N ASP A 57 13.19 -26.63 21.69
CA ASP A 57 11.74 -26.54 21.78
C ASP A 57 11.22 -27.92 22.14
N GLN A 58 10.77 -28.09 23.38
CA GLN A 58 10.45 -29.41 23.90
C GLN A 58 8.96 -29.73 23.96
N HIS A 59 8.10 -28.74 24.20
CA HIS A 59 6.68 -29.03 24.34
C HIS A 59 5.84 -27.83 23.90
N ARG A 60 4.83 -28.11 23.08
CA ARG A 60 3.83 -27.12 22.70
C ARG A 60 2.46 -27.76 22.80
N GLY A 61 1.44 -26.94 22.97
CA GLY A 61 0.09 -27.46 23.04
C GLY A 61 -0.90 -26.38 23.41
N PHE A 62 -2.15 -26.81 23.56
CA PHE A 62 -3.20 -25.90 23.99
C PHE A 62 -4.29 -26.70 24.69
N LEU A 63 -5.06 -26.00 25.52
CA LEU A 63 -6.15 -26.60 26.27
C LEU A 63 -7.19 -25.52 26.54
N HIS A 64 -8.30 -25.93 27.13
CA HIS A 64 -9.35 -25.00 27.53
C HIS A 64 -9.91 -25.41 28.87
N ASN A 65 -10.61 -24.48 29.51
CA ASN A 65 -11.16 -24.73 30.83
C ASN A 65 -12.27 -25.78 30.77
N GLN A 66 -12.64 -26.27 31.95
CA GLN A 66 -13.76 -27.19 32.09
C GLN A 66 -14.96 -26.40 32.60
N ALA A 67 -16.04 -26.38 31.81
CA ALA A 67 -17.19 -25.57 32.13
C ALA A 67 -17.84 -26.04 33.43
N LYS A 68 -18.28 -25.08 34.24
CA LYS A 68 -18.97 -25.39 35.49
C LYS A 68 -20.38 -25.89 35.18
N ASN A 69 -20.83 -26.88 35.94
CA ASN A 69 -22.11 -27.53 35.71
C ASN A 69 -22.93 -27.45 36.99
N LEU A 70 -23.97 -26.60 36.96
CA LEU A 70 -24.84 -26.44 38.13
C LEU A 70 -25.64 -27.71 38.39
N LEU A 71 -26.10 -28.38 37.32
CA LEU A 71 -26.96 -29.54 37.50
C LEU A 71 -26.19 -30.72 38.06
N CYS A 72 -24.93 -30.88 37.67
CA CYS A 72 -24.11 -31.99 38.16
C CYS A 72 -23.26 -31.61 39.36
N GLY A 73 -23.28 -30.35 39.80
CA GLY A 73 -22.53 -29.96 40.97
C GLY A 73 -21.06 -29.66 40.73
N PHE A 74 -20.64 -29.55 39.48
CA PHE A 74 -19.23 -29.30 39.16
C PHE A 74 -18.98 -27.82 39.03
N TYR A 75 -18.01 -27.32 39.80
CA TYR A 75 -17.66 -25.90 39.77
C TYR A 75 -16.73 -25.52 38.63
N GLY A 76 -16.19 -26.48 37.89
CA GLY A 76 -15.32 -26.17 36.80
C GLY A 76 -13.88 -25.93 37.22
N ARG A 77 -12.97 -26.14 36.27
CA ARG A 77 -11.54 -25.97 36.48
C ARG A 77 -11.00 -25.05 35.40
N HIS A 78 -10.45 -23.91 35.83
CA HIS A 78 -9.93 -22.92 34.91
C HIS A 78 -8.72 -23.47 34.15
N ALA A 79 -8.35 -22.75 33.08
CA ALA A 79 -7.30 -23.22 32.20
C ALA A 79 -5.95 -23.29 32.90
N ALA A 80 -5.71 -22.41 33.88
CA ALA A 80 -4.44 -22.43 34.60
C ALA A 80 -4.29 -23.72 35.40
N LEU A 81 -5.33 -24.08 36.16
CA LEU A 81 -5.30 -25.35 36.88
C LEU A 81 -5.25 -26.52 35.91
N ARG A 82 -5.93 -26.39 34.77
CA ARG A 82 -5.88 -27.44 33.76
C ARG A 82 -4.47 -27.64 33.24
N PHE A 83 -3.67 -26.58 33.21
CA PHE A 83 -2.26 -26.72 32.85
C PHE A 83 -1.44 -27.32 33.99
N LEU A 84 -1.72 -26.89 35.22
CA LEU A 84 -0.98 -27.42 36.36
C LEU A 84 -1.22 -28.92 36.54
N ASP A 85 -2.37 -29.42 36.10
CA ASP A 85 -2.60 -30.86 36.11
C ASP A 85 -1.77 -31.58 35.05
N LEU A 86 -1.38 -30.87 33.99
CA LEU A 86 -0.62 -31.47 32.90
C LEU A 86 0.89 -31.49 33.14
N VAL A 87 1.38 -30.69 34.10
CA VAL A 87 2.83 -30.58 34.30
C VAL A 87 3.49 -31.92 34.56
N PRO A 88 2.95 -32.82 35.39
CA PRO A 88 3.59 -34.14 35.54
C PRO A 88 3.74 -34.91 34.24
N SER A 89 2.84 -34.69 33.28
CA SER A 89 2.93 -35.38 31.99
C SER A 89 4.08 -34.87 31.13
N LEU A 90 4.70 -33.74 31.49
CA LEU A 90 5.77 -33.18 30.67
C LEU A 90 7.13 -33.82 30.93
N GLN A 91 7.29 -34.52 32.06
CA GLN A 91 8.57 -35.14 32.43
C GLN A 91 9.69 -34.09 32.48
N LEU A 92 9.45 -33.02 33.23
CA LEU A 92 10.43 -31.95 33.33
C LEU A 92 11.61 -32.39 34.18
N ASP A 93 12.82 -32.22 33.65
CA ASP A 93 14.03 -32.60 34.37
C ASP A 93 14.29 -31.61 35.50
N PRO A 94 14.33 -32.04 36.76
CA PRO A 94 14.57 -31.09 37.86
C PRO A 94 15.97 -30.50 37.86
N ALA A 95 16.89 -31.02 37.06
CA ALA A 95 18.26 -30.51 37.03
C ALA A 95 18.47 -29.39 36.02
N GLN A 96 17.54 -29.21 35.09
CA GLN A 96 17.65 -28.17 34.08
C GLN A 96 16.54 -27.12 34.27
N ILE A 97 16.69 -26.01 33.56
CA ILE A 97 15.79 -24.87 33.66
C ILE A 97 14.89 -24.85 32.43
N TYR A 98 13.59 -24.74 32.65
CA TYR A 98 12.61 -24.69 31.57
C TYR A 98 11.85 -23.38 31.61
N ARG A 99 11.54 -22.85 30.43
CA ARG A 99 10.72 -21.65 30.29
C ARG A 99 9.37 -22.06 29.74
N VAL A 100 8.31 -21.79 30.50
CA VAL A 100 6.94 -22.06 30.09
C VAL A 100 6.30 -20.73 29.71
N THR A 101 5.74 -20.68 28.51
CA THR A 101 5.08 -19.49 27.99
C THR A 101 3.60 -19.79 27.80
N TRP A 102 2.76 -18.96 28.41
CA TRP A 102 1.31 -19.07 28.30
C TRP A 102 0.80 -18.01 27.34
N PHE A 103 -0.19 -18.39 26.53
CA PHE A 103 -0.98 -17.48 25.70
C PHE A 103 -2.42 -17.79 26.11
N ILE A 104 -2.90 -17.10 27.13
CA ILE A 104 -4.16 -17.42 27.78
C ILE A 104 -5.20 -16.38 27.38
N SER A 105 -6.44 -16.83 27.22
CA SER A 105 -7.50 -15.94 26.77
C SER A 105 -7.84 -14.89 27.82
N TRP A 106 -8.05 -15.33 29.07
CA TRP A 106 -8.28 -14.45 30.19
C TRP A 106 -7.10 -14.48 31.14
N SER A 107 -6.84 -13.36 31.79
CA SER A 107 -5.81 -13.33 32.83
C SER A 107 -6.23 -14.24 33.98
N PRO A 108 -5.29 -14.95 34.61
CA PRO A 108 -5.67 -15.86 35.70
C PRO A 108 -6.36 -15.13 36.84
N CYS A 109 -7.33 -15.81 37.45
CA CYS A 109 -8.16 -15.21 38.48
C CYS A 109 -7.46 -15.32 39.84
N PHE A 110 -8.07 -14.69 40.84
CA PHE A 110 -7.62 -14.77 42.22
C PHE A 110 -8.64 -15.38 43.15
N SER A 111 -9.91 -14.98 43.04
CA SER A 111 -10.93 -15.42 43.98
C SER A 111 -11.17 -16.93 43.91
N TRP A 112 -10.81 -17.57 42.80
CA TRP A 112 -11.01 -19.01 42.64
C TRP A 112 -9.70 -19.80 42.75
N GLY A 113 -8.61 -19.15 43.20
CA GLY A 113 -7.42 -19.87 43.62
C GLY A 113 -6.38 -20.13 42.55
N CYS A 114 -6.59 -19.67 41.31
CA CYS A 114 -5.64 -19.98 40.24
C CYS A 114 -4.29 -19.31 40.47
N ALA A 115 -4.29 -18.00 40.76
CA ALA A 115 -3.03 -17.30 40.97
C ALA A 115 -2.27 -17.88 42.15
N GLY A 116 -2.97 -18.24 43.22
CA GLY A 116 -2.32 -18.83 44.38
C GLY A 116 -1.72 -20.19 44.06
N GLU A 117 -2.44 -21.02 43.31
CA GLU A 117 -1.93 -22.34 42.95
C GLU A 117 -0.73 -22.23 42.02
N VAL A 118 -0.77 -21.28 41.08
CA VAL A 118 0.37 -21.06 40.20
C VAL A 118 1.58 -20.57 40.99
N ARG A 119 1.36 -19.67 41.96
CA ARG A 119 2.46 -19.24 42.81
C ARG A 119 3.02 -20.40 43.62
N ALA A 120 2.15 -21.29 44.09
CA ALA A 120 2.62 -22.48 44.80
C ALA A 120 3.48 -23.35 43.90
N PHE A 121 3.05 -23.55 42.65
CA PHE A 121 3.85 -24.33 41.71
C PHE A 121 5.20 -23.68 41.46
N LEU A 122 5.22 -22.34 41.35
CA LEU A 122 6.48 -21.65 41.07
C LEU A 122 7.45 -21.70 42.24
N GLN A 123 6.94 -21.87 43.47
CA GLN A 123 7.83 -21.93 44.62
C GLN A 123 8.43 -23.32 44.81
N GLU A 124 7.63 -24.37 44.61
CA GLU A 124 8.15 -25.73 44.72
C GLU A 124 9.14 -26.03 43.60
N ASN A 125 8.83 -25.60 42.38
CA ASN A 125 9.66 -25.85 41.21
C ASN A 125 10.33 -24.53 40.81
N THR A 126 11.48 -24.26 41.43
CA THR A 126 12.25 -23.06 41.09
C THR A 126 12.97 -23.18 39.77
N HIS A 127 13.08 -24.39 39.21
CA HIS A 127 13.73 -24.61 37.93
C HIS A 127 12.83 -24.28 36.75
N VAL A 128 11.58 -23.89 37.00
CA VAL A 128 10.63 -23.53 35.95
C VAL A 128 10.34 -22.05 36.05
N ARG A 129 10.47 -21.34 34.93
CA ARG A 129 10.18 -19.92 34.85
C ARG A 129 9.00 -19.71 33.91
N LEU A 130 8.00 -18.96 34.37
CA LEU A 130 6.74 -18.80 33.64
C LEU A 130 6.59 -17.37 33.15
N ARG A 131 6.15 -17.21 31.92
CA ARG A 131 5.75 -15.91 31.38
C ARG A 131 4.36 -16.05 30.80
N ILE A 132 3.46 -15.14 31.19
CA ILE A 132 2.05 -15.22 30.83
C ILE A 132 1.70 -14.06 29.92
N PHE A 133 1.10 -14.38 28.77
CA PHE A 133 0.58 -13.40 27.84
C PHE A 133 -0.95 -13.54 27.84
N ALA A 134 -1.64 -12.54 28.35
CA ALA A 134 -3.09 -12.54 28.46
C ALA A 134 -3.68 -11.71 27.34
N ALA A 135 -4.67 -12.28 26.65
CA ALA A 135 -5.35 -11.54 25.58
C ALA A 135 -6.29 -10.50 26.16
N ARG A 136 -6.98 -10.85 27.25
CA ARG A 136 -7.89 -9.92 27.93
C ARG A 136 -7.60 -9.96 29.42
N ILE A 137 -8.04 -8.91 30.12
CA ILE A 137 -7.92 -8.81 31.57
C ILE A 137 -9.23 -9.29 32.18
N TYR A 138 -9.15 -10.28 33.07
CA TYR A 138 -10.33 -10.88 33.69
C TYR A 138 -10.81 -10.01 34.85
N ASP A 139 -11.26 -8.81 34.50
CA ASP A 139 -11.72 -7.85 35.50
C ASP A 139 -13.08 -8.20 36.09
N TYR A 140 -13.70 -9.29 35.66
CA TYR A 140 -14.91 -9.77 36.33
C TYR A 140 -14.62 -10.16 37.76
N ASP A 141 -13.48 -10.82 37.98
CA ASP A 141 -13.01 -11.09 39.34
C ASP A 141 -12.67 -9.78 40.01
N PRO A 142 -13.32 -9.41 41.12
CA PRO A 142 -13.02 -8.13 41.77
C PRO A 142 -11.58 -7.98 42.21
N LEU A 143 -10.82 -9.08 42.34
CA LEU A 143 -9.44 -9.05 42.79
C LEU A 143 -8.48 -9.50 41.68
N TYR A 144 -8.78 -9.11 40.45
CA TYR A 144 -7.91 -9.46 39.33
C TYR A 144 -6.55 -8.77 39.45
N LYS A 145 -6.54 -7.54 39.94
CA LYS A 145 -5.27 -6.84 40.17
C LYS A 145 -4.40 -7.62 41.15
N GLU A 146 -5.00 -8.13 42.23
CA GLU A 146 -4.24 -8.95 43.18
C GLU A 146 -3.72 -10.22 42.53
N ALA A 147 -4.45 -10.75 41.55
CA ALA A 147 -3.98 -11.93 40.81
C ALA A 147 -2.75 -11.59 39.98
N LEU A 148 -2.82 -10.53 39.17
CA LEU A 148 -1.69 -10.15 38.34
C LEU A 148 -0.47 -9.79 39.20
N GLN A 149 -0.70 -9.04 40.27
CA GLN A 149 0.40 -8.65 41.16
C GLN A 149 1.00 -9.86 41.84
N MET A 150 0.16 -10.81 42.27
CA MET A 150 0.68 -12.03 42.90
C MET A 150 1.50 -12.84 41.90
N LEU A 151 1.06 -12.91 40.64
CA LEU A 151 1.84 -13.59 39.62
C LEU A 151 3.17 -12.90 39.39
N ARG A 152 3.19 -11.57 39.37
CA ARG A 152 4.44 -10.84 39.21
C ARG A 152 5.36 -11.06 40.41
N ASP A 153 4.81 -10.95 41.62
CA ASP A 153 5.61 -11.11 42.84
C ASP A 153 6.12 -12.53 43.03
N ALA A 154 5.65 -13.49 42.23
CA ALA A 154 6.10 -14.87 42.31
C ALA A 154 7.21 -15.18 41.31
N GLY A 155 7.69 -14.18 40.58
CA GLY A 155 8.74 -14.38 39.60
C GLY A 155 8.27 -14.63 38.19
N ALA A 156 6.96 -14.58 37.95
CA ALA A 156 6.41 -14.83 36.62
C ALA A 156 6.20 -13.53 35.86
N GLN A 157 6.59 -13.52 34.60
CA GLN A 157 6.36 -12.37 33.75
C GLN A 157 4.89 -12.29 33.36
N VAL A 158 4.31 -11.10 33.50
CA VAL A 158 2.90 -10.87 33.17
C VAL A 158 2.86 -9.80 32.08
N SER A 159 2.31 -10.16 30.92
CA SER A 159 2.25 -9.27 29.79
C SER A 159 0.91 -9.44 29.07
N ILE A 160 0.61 -8.49 28.19
CA ILE A 160 -0.61 -8.51 27.39
C ILE A 160 -0.26 -8.91 25.97
N MET A 161 -1.08 -9.77 25.37
CA MET A 161 -0.84 -10.23 24.02
C MET A 161 -0.94 -9.08 23.03
N THR A 162 0.06 -8.96 22.16
CA THR A 162 0.06 -7.99 21.07
C THR A 162 -0.04 -8.74 19.74
N TYR A 163 0.07 -7.99 18.64
CA TYR A 163 -0.06 -8.60 17.32
C TYR A 163 0.92 -9.74 17.11
N ASP A 164 2.14 -9.60 17.62
CA ASP A 164 3.16 -10.64 17.44
C ASP A 164 2.75 -11.94 18.11
N GLU A 165 2.13 -11.86 19.28
CA GLU A 165 1.73 -13.07 19.99
C GLU A 165 0.52 -13.74 19.30
N PHE A 166 -0.45 -12.94 18.87
CA PHE A 166 -1.59 -13.50 18.14
C PHE A 166 -1.15 -14.15 16.84
N LYS A 167 -0.26 -13.51 16.10
CA LYS A 167 0.24 -14.10 14.86
C LYS A 167 1.06 -15.34 15.14
N HIS A 168 1.81 -15.34 16.24
CA HIS A 168 2.57 -16.54 16.61
C HIS A 168 1.64 -17.71 16.88
N CYS A 169 0.63 -17.50 17.72
CA CYS A 169 -0.32 -18.56 18.02
C CYS A 169 -1.07 -19.01 16.77
N TRP A 170 -1.34 -18.08 15.85
CA TRP A 170 -1.98 -18.45 14.60
C TRP A 170 -1.07 -19.35 13.77
N ASP A 171 0.23 -19.04 13.72
CA ASP A 171 1.14 -19.80 12.87
C ASP A 171 1.51 -21.16 13.46
N THR A 172 1.58 -21.28 14.78
CA THR A 172 2.06 -22.52 15.39
C THR A 172 0.97 -23.37 16.02
N PHE A 173 -0.12 -22.79 16.51
CA PHE A 173 -1.15 -23.56 17.21
C PHE A 173 -2.43 -23.75 16.41
N VAL A 174 -2.64 -23.00 15.34
CA VAL A 174 -3.91 -22.99 14.62
C VAL A 174 -3.75 -23.75 13.31
N ASP A 175 -4.73 -24.58 12.99
CA ASP A 175 -4.75 -25.29 11.71
C ASP A 175 -5.16 -24.31 10.61
N HIS A 176 -4.22 -23.43 10.22
CA HIS A 176 -4.51 -22.39 9.25
C HIS A 176 -4.54 -22.90 7.82
N GLN A 177 -3.89 -24.02 7.53
CA GLN A 177 -3.85 -24.61 6.20
C GLN A 177 -3.31 -23.65 5.15
N GLY A 178 -2.37 -22.78 5.56
CA GLY A 178 -1.76 -21.82 4.67
C GLY A 178 -2.37 -20.43 4.71
N CYS A 179 -3.53 -20.26 5.33
CA CYS A 179 -4.15 -18.94 5.41
C CYS A 179 -3.38 -18.07 6.40
N PRO A 180 -2.89 -16.90 5.99
CA PRO A 180 -2.17 -16.04 6.93
C PRO A 180 -3.10 -15.46 7.98
N PHE A 181 -2.49 -14.96 9.06
CA PHE A 181 -3.24 -14.38 10.16
C PHE A 181 -3.86 -13.06 9.73
N GLN A 182 -5.19 -12.99 9.75
CA GLN A 182 -5.89 -11.76 9.45
C GLN A 182 -6.37 -11.13 10.75
N PRO A 183 -5.77 -10.04 11.22
CA PRO A 183 -6.18 -9.46 12.49
C PRO A 183 -7.57 -8.87 12.44
N TRP A 184 -8.26 -8.96 13.57
CA TRP A 184 -9.61 -8.42 13.70
C TRP A 184 -9.54 -6.91 13.96
N ASP A 185 -10.70 -6.27 13.83
CA ASP A 185 -10.78 -4.83 14.06
C ASP A 185 -10.54 -4.52 15.53
N GLY A 186 -9.62 -3.61 15.80
CA GLY A 186 -9.31 -3.21 17.16
C GLY A 186 -8.27 -4.05 17.88
N LEU A 187 -7.52 -4.88 17.15
CA LEU A 187 -6.52 -5.71 17.79
C LEU A 187 -5.42 -4.86 18.42
N ASP A 188 -4.77 -4.01 17.62
CA ASP A 188 -3.70 -3.16 18.15
C ASP A 188 -4.25 -2.15 19.15
N GLU A 189 -5.46 -1.66 18.93
CA GLU A 189 -6.06 -0.68 19.84
C GLU A 189 -6.31 -1.29 21.22
N HIS A 190 -7.11 -2.34 21.27
CA HIS A 190 -7.40 -2.99 22.54
C HIS A 190 -6.15 -3.56 23.18
N SER A 191 -5.19 -4.03 22.37
CA SER A 191 -3.95 -4.54 22.92
C SER A 191 -3.15 -3.43 23.60
N GLN A 192 -3.10 -2.25 22.98
CA GLN A 192 -2.42 -1.12 23.62
C GLN A 192 -3.13 -0.68 24.89
N ALA A 193 -4.47 -0.61 24.84
CA ALA A 193 -5.23 -0.20 26.01
C ALA A 193 -4.99 -1.15 27.18
N LEU A 194 -5.10 -2.45 26.93
CA LEU A 194 -4.85 -3.43 27.99
C LEU A 194 -3.40 -3.39 28.46
N SER A 195 -2.46 -3.13 27.56
CA SER A 195 -1.07 -2.95 27.99
C SER A 195 -0.92 -1.78 28.94
N GLY A 196 -1.68 -0.70 28.69
CA GLY A 196 -1.64 0.43 29.60
C GLY A 196 -2.29 0.12 30.94
N ARG A 197 -3.40 -0.60 30.93
CA ARG A 197 -4.04 -1.00 32.18
C ARG A 197 -3.10 -1.87 33.01
N LEU A 198 -2.49 -2.88 32.38
CA LEU A 198 -1.57 -3.75 33.11
C LEU A 198 -0.34 -2.98 33.61
N ARG A 199 0.16 -2.04 32.79
CA ARG A 199 1.26 -1.21 33.26
C ARG A 199 0.85 -0.37 34.46
N ALA A 200 -0.42 0.04 34.53
CA ALA A 200 -0.90 0.78 35.70
C ALA A 200 -1.13 -0.11 36.90
N ILE A 201 -1.42 -1.39 36.68
CA ILE A 201 -1.67 -2.31 37.78
C ILE A 201 -0.37 -2.74 38.44
N LEU A 202 0.68 -2.97 37.65
CA LEU A 202 1.95 -3.48 38.15
C LEU A 202 2.89 -2.32 38.50
N GLN A 203 2.43 -1.47 39.42
CA GLN A 203 3.21 -0.32 39.87
C GLN A 203 3.66 -0.51 41.32
N ARG B 18 12.87 -20.11 -13.38
CA ARG B 18 12.95 -20.46 -11.96
C ARG B 18 13.38 -19.26 -11.13
N HIS B 19 13.72 -18.18 -11.82
CA HIS B 19 14.10 -16.93 -11.17
C HIS B 19 12.87 -16.06 -11.02
N LEU B 20 12.50 -15.76 -9.77
CA LEU B 20 11.26 -15.08 -9.48
C LEU B 20 11.43 -13.57 -9.54
N MET B 21 10.35 -12.84 -9.24
CA MET B 21 10.28 -11.40 -9.40
C MET B 21 10.37 -10.71 -8.05
N ASP B 22 11.05 -9.56 -8.03
CA ASP B 22 11.17 -8.80 -6.79
C ASP B 22 9.80 -8.25 -6.40
N PRO B 23 9.43 -8.32 -5.12
CA PRO B 23 8.09 -7.87 -4.71
C PRO B 23 7.83 -6.39 -5.01
N HIS B 24 8.83 -5.54 -4.78
CA HIS B 24 8.64 -4.11 -5.03
C HIS B 24 8.41 -3.82 -6.51
N ILE B 25 9.04 -4.60 -7.40
CA ILE B 25 8.81 -4.42 -8.82
C ILE B 25 7.38 -4.79 -9.17
N PHE B 26 6.87 -5.89 -8.60
CA PHE B 26 5.50 -6.31 -8.87
C PHE B 26 4.49 -5.28 -8.35
N THR B 27 4.55 -4.98 -7.06
CA THR B 27 3.63 -4.01 -6.48
C THR B 27 3.82 -2.60 -7.03
N SER B 28 4.95 -2.33 -7.70
CA SER B 28 5.17 -1.04 -8.32
C SER B 28 4.57 -0.96 -9.72
N ASN B 29 4.72 -2.01 -10.52
CA ASN B 29 4.27 -1.98 -11.91
C ASN B 29 2.82 -2.42 -12.07
N PHE B 30 2.40 -3.45 -11.36
CA PHE B 30 1.05 -4.00 -11.51
C PHE B 30 0.01 -3.23 -10.70
N ASN B 31 0.36 -2.08 -10.15
CA ASN B 31 -0.62 -1.25 -9.44
C ASN B 31 -1.59 -0.64 -10.45
N ASN B 32 -2.86 -1.02 -10.36
CA ASN B 32 -3.88 -0.54 -11.29
C ASN B 32 -4.39 0.86 -10.95
N GLY B 33 -3.78 1.55 -10.00
CA GLY B 33 -4.17 2.90 -9.67
C GLY B 33 -3.21 3.94 -10.23
N ILE B 34 -1.92 3.64 -10.15
CA ILE B 34 -0.87 4.51 -10.65
C ILE B 34 -0.24 3.84 -11.88
N GLY B 35 -0.08 4.62 -12.94
CA GLY B 35 0.48 4.11 -14.19
C GLY B 35 1.96 4.41 -14.27
N ARG B 36 2.75 3.36 -14.48
CA ARG B 36 4.19 3.47 -14.53
C ARG B 36 4.70 3.69 -15.95
N HIS B 37 5.97 4.08 -16.05
CA HIS B 37 6.65 4.23 -17.33
C HIS B 37 7.33 2.95 -17.79
N LYS B 38 6.90 1.80 -17.27
CA LYS B 38 7.44 0.51 -17.68
C LYS B 38 6.29 -0.48 -17.82
N THR B 39 6.59 -1.62 -18.45
CA THR B 39 5.58 -2.65 -18.65
C THR B 39 6.20 -4.02 -18.37
N TYR B 40 5.51 -4.81 -17.55
CA TYR B 40 5.92 -6.18 -17.26
C TYR B 40 4.84 -7.15 -17.76
N LEU B 41 5.27 -8.39 -17.96
CA LEU B 41 4.40 -9.43 -18.52
C LEU B 41 4.72 -10.75 -17.86
N CYS B 42 3.75 -11.32 -17.15
CA CYS B 42 3.88 -12.65 -16.55
C CYS B 42 3.11 -13.63 -17.42
N TYR B 43 3.81 -14.54 -18.08
CA TYR B 43 3.20 -15.45 -19.03
C TYR B 43 3.17 -16.87 -18.48
N GLU B 44 2.10 -17.59 -18.79
CA GLU B 44 1.97 -19.01 -18.52
C GLU B 44 1.61 -19.72 -19.82
N VAL B 45 2.15 -20.92 -20.01
CA VAL B 45 1.83 -21.74 -21.17
C VAL B 45 1.41 -23.11 -20.66
N GLU B 46 0.16 -23.48 -20.91
CA GLU B 46 -0.42 -24.71 -20.40
C GLU B 46 -0.87 -25.59 -21.56
N ARG B 47 -0.50 -26.87 -21.52
CA ARG B 47 -0.95 -27.82 -22.51
C ARG B 47 -2.42 -28.18 -22.29
N LEU B 48 -3.09 -28.53 -23.39
CA LEU B 48 -4.53 -28.79 -23.39
C LEU B 48 -4.80 -30.19 -23.93
N ASP B 49 -5.67 -30.91 -23.24
CA ASP B 49 -6.10 -32.24 -23.67
C ASP B 49 -7.61 -32.35 -23.74
N SER B 53 -0.85 -34.60 -23.65
CA SER B 53 -1.01 -35.61 -22.62
C SER B 53 -2.26 -35.33 -21.79
N VAL B 54 -2.06 -34.89 -20.54
CA VAL B 54 -3.16 -34.50 -19.65
C VAL B 54 -2.77 -33.17 -18.99
N LYS B 55 -3.16 -32.06 -19.63
CA LYS B 55 -3.24 -30.73 -19.02
C LYS B 55 -2.05 -30.42 -18.12
N MET B 56 -0.86 -30.38 -18.72
CA MET B 56 0.37 -30.22 -17.98
C MET B 56 0.87 -28.77 -18.07
N ASP B 57 1.24 -28.22 -16.91
CA ASP B 57 1.88 -26.90 -16.85
C ASP B 57 3.24 -26.97 -17.52
N GLN B 58 3.38 -26.33 -18.68
CA GLN B 58 4.58 -26.50 -19.47
C GLN B 58 5.57 -25.34 -19.40
N HIS B 59 5.10 -24.10 -19.25
CA HIS B 59 6.01 -22.96 -19.26
C HIS B 59 5.46 -21.82 -18.43
N ARG B 60 6.31 -21.25 -17.57
CA ARG B 60 5.99 -20.04 -16.83
C ARG B 60 7.19 -19.09 -16.91
N GLY B 61 6.91 -17.81 -16.75
CA GLY B 61 7.98 -16.82 -16.75
C GLY B 61 7.43 -15.42 -16.75
N PHE B 62 8.35 -14.46 -16.83
CA PHE B 62 7.99 -13.06 -16.89
C PHE B 62 9.10 -12.30 -17.60
N LEU B 63 8.75 -11.14 -18.14
CA LEU B 63 9.69 -10.29 -18.83
C LEU B 63 9.21 -8.85 -18.71
N HIS B 64 10.00 -7.92 -19.22
CA HIS B 64 9.63 -6.51 -19.25
C HIS B 64 10.08 -5.91 -20.58
N ASN B 65 9.51 -4.76 -20.90
CA ASN B 65 9.83 -4.11 -22.17
C ASN B 65 11.27 -3.62 -22.17
N GLN B 66 11.75 -3.26 -23.35
CA GLN B 66 13.06 -2.66 -23.53
C GLN B 66 12.88 -1.16 -23.72
N ALA B 67 13.46 -0.38 -22.80
CA ALA B 67 13.27 1.06 -22.82
C ALA B 67 13.82 1.67 -24.10
N LYS B 68 13.11 2.64 -24.64
CA LYS B 68 13.56 3.31 -25.85
C LYS B 68 14.70 4.26 -25.52
N ASN B 69 15.70 4.29 -26.40
CA ASN B 69 16.91 5.09 -26.21
C ASN B 69 17.08 5.95 -27.47
N LEU B 70 16.52 7.16 -27.43
CA LEU B 70 16.57 8.03 -28.60
C LEU B 70 17.99 8.50 -28.90
N LEU B 71 18.85 8.57 -27.87
CA LEU B 71 20.24 8.95 -28.11
C LEU B 71 20.98 7.87 -28.88
N CYS B 72 20.66 6.60 -28.64
CA CYS B 72 21.28 5.49 -29.34
C CYS B 72 20.49 5.05 -30.57
N GLY B 73 19.36 5.68 -30.86
CA GLY B 73 18.58 5.32 -32.03
C GLY B 73 17.64 4.15 -31.84
N PHE B 74 17.44 3.71 -30.59
CA PHE B 74 16.60 2.56 -30.31
C PHE B 74 15.17 3.03 -30.04
N TYR B 75 14.21 2.46 -30.78
CA TYR B 75 12.80 2.80 -30.64
C TYR B 75 12.13 2.09 -29.48
N GLY B 76 12.81 1.14 -28.84
CA GLY B 76 12.20 0.39 -27.75
C GLY B 76 11.35 -0.75 -28.24
N ARG B 77 11.21 -1.79 -27.41
CA ARG B 77 10.44 -2.97 -27.76
C ARG B 77 9.46 -3.27 -26.63
N HIS B 78 8.16 -3.20 -26.93
CA HIS B 78 7.14 -3.44 -25.93
C HIS B 78 7.17 -4.90 -25.46
N ALA B 79 6.49 -5.16 -24.34
CA ALA B 79 6.51 -6.48 -23.74
C ALA B 79 5.87 -7.54 -24.63
N ALA B 80 4.86 -7.16 -25.42
CA ALA B 80 4.20 -8.12 -26.30
C ALA B 80 5.17 -8.63 -27.36
N LEU B 81 5.88 -7.72 -28.03
CA LEU B 81 6.89 -8.13 -29.00
C LEU B 81 8.02 -8.90 -28.31
N ARG B 82 8.36 -8.50 -27.08
CA ARG B 82 9.37 -9.23 -26.33
C ARG B 82 8.95 -10.67 -26.06
N PHE B 83 7.63 -10.90 -25.91
CA PHE B 83 7.14 -12.26 -25.75
C PHE B 83 7.12 -13.01 -27.08
N LEU B 84 6.72 -12.34 -28.16
CA LEU B 84 6.67 -13.00 -29.46
C LEU B 84 8.04 -13.46 -29.93
N ASP B 85 9.12 -12.79 -29.48
CA ASP B 85 10.46 -13.25 -29.77
C ASP B 85 10.82 -14.51 -29.00
N LEU B 86 10.17 -14.74 -27.86
CA LEU B 86 10.45 -15.88 -27.01
C LEU B 86 9.71 -17.15 -27.42
N VAL B 87 8.66 -17.02 -28.25
CA VAL B 87 7.85 -18.19 -28.60
C VAL B 87 8.67 -19.32 -29.22
N PRO B 88 9.60 -19.07 -30.16
CA PRO B 88 10.42 -20.19 -30.66
C PRO B 88 11.17 -20.93 -29.57
N SER B 89 11.55 -20.25 -28.49
CA SER B 89 12.25 -20.90 -27.39
C SER B 89 11.36 -21.86 -26.59
N LEU B 90 10.05 -21.82 -26.80
CA LEU B 90 9.15 -22.68 -26.03
C LEU B 90 9.05 -24.10 -26.57
N GLN B 91 9.45 -24.31 -27.83
CA GLN B 91 9.36 -25.63 -28.48
C GLN B 91 7.92 -26.15 -28.46
N LEU B 92 6.99 -25.32 -28.92
CA LEU B 92 5.58 -25.67 -28.92
C LEU B 92 5.29 -26.72 -29.99
N ASP B 93 4.64 -27.80 -29.59
CA ASP B 93 4.29 -28.87 -30.53
C ASP B 93 3.15 -28.41 -31.43
N PRO B 94 3.34 -28.35 -32.75
CA PRO B 94 2.26 -27.89 -33.64
C PRO B 94 1.06 -28.82 -33.70
N ALA B 95 1.17 -30.05 -33.18
CA ALA B 95 0.06 -30.99 -33.25
C ALA B 95 -0.91 -30.88 -32.07
N GLN B 96 -0.51 -30.22 -30.99
CA GLN B 96 -1.37 -30.07 -29.81
C GLN B 96 -1.74 -28.60 -29.62
N ILE B 97 -2.68 -28.38 -28.72
CA ILE B 97 -3.25 -27.07 -28.46
C ILE B 97 -2.68 -26.53 -27.15
N TYR B 98 -2.18 -25.30 -27.19
CA TYR B 98 -1.61 -24.64 -26.03
C TYR B 98 -2.41 -23.40 -25.67
N ARG B 99 -2.54 -23.15 -24.37
CA ARG B 99 -3.18 -21.93 -23.86
C ARG B 99 -2.11 -21.05 -23.24
N VAL B 100 -1.95 -19.84 -23.79
CA VAL B 100 -1.01 -18.86 -23.29
C VAL B 100 -1.80 -17.79 -22.54
N THR B 101 -1.40 -17.54 -21.30
CA THR B 101 -2.04 -16.55 -20.43
C THR B 101 -1.04 -15.44 -20.14
N TRP B 102 -1.44 -14.20 -20.43
CA TRP B 102 -0.65 -13.02 -20.15
C TRP B 102 -1.19 -12.31 -18.93
N PHE B 103 -0.29 -11.81 -18.09
CA PHE B 103 -0.61 -10.89 -17.00
C PHE B 103 0.27 -9.68 -17.26
N ILE B 104 -0.24 -8.74 -18.03
CA ILE B 104 0.54 -7.63 -18.57
C ILE B 104 0.15 -6.36 -17.82
N SER B 105 1.14 -5.49 -17.58
CA SER B 105 0.90 -4.27 -16.82
C SER B 105 0.01 -3.31 -17.59
N TRP B 106 0.34 -3.06 -18.85
CA TRP B 106 -0.47 -2.22 -19.74
C TRP B 106 -1.11 -3.07 -20.83
N SER B 107 -2.29 -2.67 -21.26
CA SER B 107 -2.92 -3.32 -22.38
C SER B 107 -2.07 -3.11 -23.64
N PRO B 108 -2.00 -4.09 -24.53
CA PRO B 108 -1.16 -3.93 -25.73
C PRO B 108 -1.62 -2.75 -26.58
N CYS B 109 -0.64 -2.08 -27.18
CA CYS B 109 -0.91 -0.88 -27.95
C CYS B 109 -1.34 -1.22 -29.39
N PHE B 110 -1.71 -0.19 -30.12
CA PHE B 110 -2.06 -0.31 -31.54
C PHE B 110 -1.16 0.52 -32.44
N SER B 111 -0.89 1.78 -32.07
CA SER B 111 -0.14 2.68 -32.93
C SER B 111 1.29 2.21 -33.15
N TRP B 112 1.83 1.37 -32.27
CA TRP B 112 3.20 0.87 -32.40
C TRP B 112 3.25 -0.58 -32.87
N GLY B 113 2.12 -1.15 -33.31
CA GLY B 113 2.12 -2.39 -34.03
C GLY B 113 1.98 -3.66 -33.20
N CYS B 114 1.85 -3.55 -31.88
CA CYS B 114 1.81 -4.75 -31.04
C CYS B 114 0.56 -5.58 -31.30
N ALA B 115 -0.61 -4.94 -31.29
CA ALA B 115 -1.85 -5.69 -31.50
C ALA B 115 -1.87 -6.36 -32.88
N GLY B 116 -1.35 -5.68 -33.89
CA GLY B 116 -1.29 -6.28 -35.22
C GLY B 116 -0.36 -7.47 -35.29
N GLU B 117 0.80 -7.37 -34.64
CA GLU B 117 1.73 -8.50 -34.64
C GLU B 117 1.18 -9.68 -33.86
N VAL B 118 0.49 -9.42 -32.74
CA VAL B 118 -0.13 -10.49 -31.99
C VAL B 118 -1.24 -11.14 -32.80
N ARG B 119 -2.02 -10.35 -33.52
CA ARG B 119 -3.05 -10.91 -34.39
C ARG B 119 -2.42 -11.77 -35.49
N ALA B 120 -1.29 -11.32 -36.03
CA ALA B 120 -0.59 -12.13 -37.02
C ALA B 120 -0.12 -13.45 -36.44
N PHE B 121 0.44 -13.42 -35.22
CA PHE B 121 0.86 -14.66 -34.58
C PHE B 121 -0.30 -15.60 -34.33
N LEU B 122 -1.45 -15.05 -33.91
CA LEU B 122 -2.60 -15.90 -33.60
C LEU B 122 -3.20 -16.51 -34.86
N GLN B 123 -3.04 -15.87 -36.02
CA GLN B 123 -3.57 -16.43 -37.25
C GLN B 123 -2.62 -17.47 -37.83
N GLU B 124 -1.32 -17.21 -37.78
CA GLU B 124 -0.35 -18.19 -38.28
C GLU B 124 -0.34 -19.44 -37.42
N ASN B 125 -0.41 -19.28 -36.09
CA ASN B 125 -0.41 -20.40 -35.15
C ASN B 125 -1.82 -20.54 -34.58
N THR B 126 -2.66 -21.29 -35.29
CA THR B 126 -4.02 -21.53 -34.82
C THR B 126 -4.10 -22.54 -33.67
N HIS B 127 -3.02 -23.27 -33.40
CA HIS B 127 -3.00 -24.21 -32.28
C HIS B 127 -2.74 -23.55 -30.94
N VAL B 128 -2.49 -22.24 -30.92
CA VAL B 128 -2.23 -21.49 -29.69
C VAL B 128 -3.36 -20.52 -29.47
N ARG B 129 -3.94 -20.55 -28.27
CA ARG B 129 -5.01 -19.63 -27.88
C ARG B 129 -4.54 -18.75 -26.75
N LEU B 130 -4.74 -17.44 -26.88
CA LEU B 130 -4.19 -16.45 -25.97
C LEU B 130 -5.30 -15.78 -25.17
N ARG B 131 -5.06 -15.61 -23.88
CA ARG B 131 -5.91 -14.79 -23.02
C ARG B 131 -5.03 -13.79 -22.29
N ILE B 132 -5.42 -12.52 -22.35
CA ILE B 132 -4.63 -11.41 -21.84
C ILE B 132 -5.36 -10.78 -20.67
N PHE B 133 -4.68 -10.64 -19.55
CA PHE B 133 -5.18 -9.95 -18.37
C PHE B 133 -4.36 -8.68 -18.20
N ALA B 134 -5.00 -7.53 -18.40
CA ALA B 134 -4.33 -6.24 -18.31
C ALA B 134 -4.62 -5.60 -16.97
N ALA B 135 -3.57 -5.15 -16.28
CA ALA B 135 -3.76 -4.45 -15.01
C ALA B 135 -4.30 -3.05 -15.23
N ARG B 136 -3.81 -2.36 -16.26
CA ARG B 136 -4.27 -1.03 -16.61
C ARG B 136 -4.58 -0.98 -18.10
N ILE B 137 -5.37 0.02 -18.49
CA ILE B 137 -5.71 0.25 -19.88
C ILE B 137 -4.76 1.32 -20.42
N TYR B 138 -4.05 0.99 -21.50
CA TYR B 138 -3.05 1.89 -22.08
C TYR B 138 -3.73 2.94 -22.95
N ASP B 139 -4.52 3.79 -22.31
CA ASP B 139 -5.25 4.82 -23.02
C ASP B 139 -4.37 5.97 -23.49
N TYR B 140 -3.06 5.91 -23.22
CA TYR B 140 -2.14 6.88 -23.80
C TYR B 140 -2.11 6.75 -25.32
N ASP B 141 -2.12 5.52 -25.82
CA ASP B 141 -2.28 5.28 -27.25
C ASP B 141 -3.68 5.73 -27.66
N PRO B 142 -3.82 6.69 -28.58
CA PRO B 142 -5.17 7.15 -28.97
C PRO B 142 -6.04 6.05 -29.57
N LEU B 143 -5.45 4.95 -30.02
CA LEU B 143 -6.18 3.86 -30.64
C LEU B 143 -6.11 2.58 -29.80
N TYR B 144 -6.15 2.73 -28.48
CA TYR B 144 -6.12 1.58 -27.59
C TYR B 144 -7.38 0.73 -27.75
N LYS B 145 -8.52 1.38 -27.99
CA LYS B 145 -9.76 0.65 -28.26
C LYS B 145 -9.61 -0.26 -29.47
N GLU B 146 -9.00 0.25 -30.53
CA GLU B 146 -8.76 -0.58 -31.71
C GLU B 146 -7.82 -1.74 -31.41
N ALA B 147 -6.89 -1.54 -30.47
CA ALA B 147 -6.00 -2.63 -30.06
C ALA B 147 -6.76 -3.72 -29.34
N LEU B 148 -7.54 -3.35 -28.32
CA LEU B 148 -8.31 -4.36 -27.58
C LEU B 148 -9.32 -5.06 -28.47
N GLN B 149 -10.01 -4.31 -29.32
CA GLN B 149 -10.98 -4.91 -30.23
C GLN B 149 -10.30 -5.83 -31.24
N MET B 150 -9.13 -5.42 -31.73
CA MET B 150 -8.39 -6.28 -32.66
C MET B 150 -7.96 -7.57 -31.98
N LEU B 151 -7.54 -7.48 -30.72
CA LEU B 151 -7.19 -8.69 -29.98
C LEU B 151 -8.41 -9.59 -29.80
N ARG B 152 -9.57 -9.00 -29.50
CA ARG B 152 -10.79 -9.79 -29.36
C ARG B 152 -11.19 -10.43 -30.68
N ASP B 153 -11.18 -9.64 -31.76
CA ASP B 153 -11.59 -10.16 -33.06
C ASP B 153 -10.62 -11.20 -33.63
N ALA B 154 -9.46 -11.39 -33.00
CA ALA B 154 -8.48 -12.37 -33.44
C ALA B 154 -8.59 -13.69 -32.68
N GLY B 155 -9.59 -13.83 -31.81
CA GLY B 155 -9.78 -15.04 -31.04
C GLY B 155 -9.15 -15.05 -29.68
N ALA B 156 -8.55 -13.93 -29.25
CA ALA B 156 -7.89 -13.85 -27.96
C ALA B 156 -8.84 -13.27 -26.92
N GLN B 157 -8.85 -13.88 -25.74
CA GLN B 157 -9.65 -13.35 -24.63
C GLN B 157 -8.99 -12.09 -24.08
N VAL B 158 -9.78 -11.04 -23.88
CA VAL B 158 -9.29 -9.77 -23.34
C VAL B 158 -10.01 -9.51 -22.03
N SER B 159 -9.26 -9.42 -20.93
CA SER B 159 -9.83 -9.22 -19.61
C SER B 159 -8.93 -8.28 -18.80
N ILE B 160 -9.50 -7.78 -17.70
CA ILE B 160 -8.81 -6.90 -16.77
C ILE B 160 -8.45 -7.69 -15.52
N MET B 161 -7.23 -7.47 -15.02
CA MET B 161 -6.77 -8.19 -13.83
C MET B 161 -7.61 -7.81 -12.61
N THR B 162 -8.08 -8.82 -11.89
CA THR B 162 -8.79 -8.65 -10.64
C THR B 162 -7.92 -9.16 -9.49
N TYR B 163 -8.50 -9.18 -8.29
CA TYR B 163 -7.75 -9.61 -7.10
C TYR B 163 -7.18 -11.01 -7.28
N ASP B 164 -7.94 -11.91 -7.89
CA ASP B 164 -7.49 -13.29 -8.05
C ASP B 164 -6.24 -13.37 -8.92
N GLU B 165 -6.18 -12.55 -9.98
CA GLU B 165 -5.02 -12.58 -10.86
C GLU B 165 -3.80 -11.97 -10.19
N PHE B 166 -3.97 -10.87 -9.46
CA PHE B 166 -2.85 -10.28 -8.74
C PHE B 166 -2.31 -11.22 -7.68
N LYS B 167 -3.20 -11.89 -6.93
CA LYS B 167 -2.74 -12.84 -5.93
C LYS B 167 -2.08 -14.04 -6.59
N HIS B 168 -2.59 -14.47 -7.74
CA HIS B 168 -1.97 -15.58 -8.47
C HIS B 168 -0.54 -15.22 -8.87
N CYS B 169 -0.36 -14.05 -9.48
CA CYS B 169 0.98 -13.62 -9.86
C CYS B 169 1.89 -13.44 -8.66
N TRP B 170 1.31 -13.01 -7.53
CA TRP B 170 2.11 -12.89 -6.31
C TRP B 170 2.60 -14.25 -5.82
N ASP B 171 1.72 -15.26 -5.87
CA ASP B 171 2.07 -16.57 -5.34
C ASP B 171 2.98 -17.36 -6.27
N THR B 172 2.87 -17.15 -7.59
CA THR B 172 3.58 -17.98 -8.55
C THR B 172 4.78 -17.29 -9.19
N PHE B 173 4.73 -15.97 -9.36
CA PHE B 173 5.80 -15.25 -10.06
C PHE B 173 6.67 -14.39 -9.16
N VAL B 174 6.26 -14.10 -7.94
CA VAL B 174 6.94 -13.15 -7.07
C VAL B 174 7.68 -13.92 -5.98
N ASP B 175 8.92 -13.49 -5.71
CA ASP B 175 9.72 -14.04 -4.62
C ASP B 175 9.20 -13.47 -3.30
N HIS B 176 8.05 -14.01 -2.88
CA HIS B 176 7.39 -13.50 -1.68
C HIS B 176 8.06 -13.98 -0.39
N GLN B 177 8.79 -15.10 -0.44
CA GLN B 177 9.50 -15.65 0.72
C GLN B 177 8.55 -15.94 1.87
N GLY B 178 7.31 -16.31 1.57
CA GLY B 178 6.32 -16.63 2.57
C GLY B 178 5.39 -15.49 2.92
N CYS B 179 5.69 -14.27 2.50
CA CYS B 179 4.83 -13.13 2.81
C CYS B 179 3.57 -13.20 1.95
N PRO B 180 2.38 -13.21 2.53
CA PRO B 180 1.16 -13.25 1.72
C PRO B 180 0.94 -11.95 0.96
N PHE B 181 0.09 -12.05 -0.06
CA PHE B 181 -0.21 -10.90 -0.91
C PHE B 181 -1.04 -9.87 -0.13
N GLN B 182 -0.49 -8.67 0.03
CA GLN B 182 -1.23 -7.58 0.66
C GLN B 182 -1.70 -6.62 -0.43
N PRO B 183 -2.99 -6.57 -0.75
CA PRO B 183 -3.44 -5.69 -1.83
C PRO B 183 -3.29 -4.22 -1.46
N TRP B 184 -3.01 -3.42 -2.49
CA TRP B 184 -2.87 -1.98 -2.30
C TRP B 184 -4.24 -1.32 -2.24
N ASP B 185 -4.25 -0.07 -1.79
CA ASP B 185 -5.49 0.68 -1.69
C ASP B 185 -6.07 0.96 -3.07
N GLY B 186 -7.34 0.60 -3.26
CA GLY B 186 -8.00 0.82 -4.54
C GLY B 186 -7.86 -0.29 -5.55
N LEU B 187 -7.39 -1.47 -5.13
CA LEU B 187 -7.21 -2.57 -6.07
C LEU B 187 -8.56 -3.02 -6.64
N ASP B 188 -9.50 -3.39 -5.78
CA ASP B 188 -10.81 -3.83 -6.26
C ASP B 188 -11.56 -2.70 -6.94
N GLU B 189 -11.40 -1.47 -6.46
CA GLU B 189 -12.08 -0.33 -7.05
C GLU B 189 -11.61 -0.08 -8.48
N HIS B 190 -10.31 0.18 -8.65
CA HIS B 190 -9.76 0.42 -9.98
C HIS B 190 -9.94 -0.78 -10.89
N SER B 191 -9.86 -1.99 -10.34
CA SER B 191 -10.07 -3.18 -11.16
C SER B 191 -11.50 -3.24 -11.67
N GLN B 192 -12.48 -2.91 -10.84
CA GLN B 192 -13.86 -2.88 -11.30
C GLN B 192 -14.07 -1.77 -12.32
N ALA B 193 -13.51 -0.59 -12.08
CA ALA B 193 -13.67 0.52 -13.02
C ALA B 193 -13.10 0.17 -14.38
N LEU B 194 -11.87 -0.35 -14.42
CA LEU B 194 -11.26 -0.74 -15.69
C LEU B 194 -12.03 -1.89 -16.34
N SER B 195 -12.57 -2.81 -15.54
CA SER B 195 -13.42 -3.85 -16.09
C SER B 195 -14.64 -3.25 -16.76
N GLY B 196 -15.20 -2.18 -16.20
CA GLY B 196 -16.32 -1.51 -16.83
C GLY B 196 -15.93 -0.81 -18.11
N ARG B 197 -14.76 -0.15 -18.12
CA ARG B 197 -14.28 0.49 -19.34
C ARG B 197 -14.09 -0.52 -20.46
N LEU B 198 -13.42 -1.63 -20.15
CA LEU B 198 -13.20 -2.67 -21.17
C LEU B 198 -14.52 -3.29 -21.60
N ARG B 199 -15.46 -3.46 -20.66
CA ARG B 199 -16.78 -3.97 -21.02
C ARG B 199 -17.49 -3.01 -21.96
N ALA B 200 -17.24 -1.70 -21.83
CA ALA B 200 -17.83 -0.73 -22.74
C ALA B 200 -17.09 -0.68 -24.07
N ILE B 201 -15.82 -1.04 -24.10
CA ILE B 201 -15.05 -1.00 -25.33
C ILE B 201 -15.40 -2.17 -26.23
N LEU B 202 -15.59 -3.36 -25.65
CA LEU B 202 -15.83 -4.57 -26.42
C LEU B 202 -17.34 -4.82 -26.57
N GLN B 203 -18.00 -3.85 -27.18
CA GLN B 203 -19.44 -3.95 -27.43
C GLN B 203 -19.72 -4.07 -28.92
N GLY C 16 43.04 16.62 -17.13
CA GLY C 16 43.60 16.53 -15.80
C GLY C 16 43.46 15.16 -15.18
N PRO C 17 44.43 14.76 -14.35
CA PRO C 17 44.35 13.45 -13.69
C PRO C 17 43.18 13.39 -12.73
N ARG C 18 42.43 12.29 -12.80
CA ARG C 18 41.25 12.08 -11.96
C ARG C 18 41.17 10.61 -11.61
N HIS C 19 41.02 10.30 -10.33
CA HIS C 19 40.85 8.93 -9.88
C HIS C 19 39.37 8.60 -9.78
N LEU C 20 38.88 7.80 -10.71
CA LEU C 20 37.46 7.46 -10.80
C LEU C 20 37.21 6.11 -10.12
N MET C 21 35.95 5.67 -10.17
CA MET C 21 35.50 4.46 -9.51
C MET C 21 35.25 3.37 -10.55
N ASP C 22 35.59 2.12 -10.19
CA ASP C 22 35.37 1.01 -11.10
C ASP C 22 33.88 0.79 -11.32
N PRO C 23 33.45 0.54 -12.56
CA PRO C 23 32.01 0.38 -12.82
C PRO C 23 31.38 -0.80 -12.09
N HIS C 24 32.09 -1.93 -12.00
CA HIS C 24 31.53 -3.10 -11.31
C HIS C 24 31.31 -2.81 -9.83
N ILE C 25 32.19 -2.01 -9.22
CA ILE C 25 32.01 -1.63 -7.83
C ILE C 25 30.76 -0.77 -7.67
N PHE C 26 30.56 0.18 -8.58
CA PHE C 26 29.40 1.07 -8.50
C PHE C 26 28.10 0.29 -8.70
N THR C 27 27.96 -0.38 -9.85
CA THR C 27 26.74 -1.14 -10.12
C THR C 27 26.56 -2.32 -9.19
N SER C 28 27.61 -2.74 -8.47
CA SER C 28 27.49 -3.82 -7.51
C SER C 28 27.03 -3.32 -6.14
N ASN C 29 27.57 -2.19 -5.68
CA ASN C 29 27.26 -1.69 -4.34
C ASN C 29 26.05 -0.77 -4.32
N PHE C 30 25.92 0.12 -5.31
CA PHE C 30 24.83 1.08 -5.32
C PHE C 30 23.54 0.53 -5.89
N ASN C 31 23.46 -0.78 -6.11
CA ASN C 31 22.20 -1.40 -6.51
C ASN C 31 21.23 -1.37 -5.34
N ASN C 32 20.12 -0.64 -5.49
CA ASN C 32 19.16 -0.49 -4.41
C ASN C 32 18.25 -1.70 -4.25
N GLY C 33 18.53 -2.81 -4.95
CA GLY C 33 17.74 -4.00 -4.78
C GLY C 33 18.48 -5.05 -3.96
N ILE C 34 19.78 -5.18 -4.20
CA ILE C 34 20.62 -6.15 -3.52
C ILE C 34 21.59 -5.40 -2.61
N GLY C 35 21.65 -5.80 -1.34
CA GLY C 35 22.49 -5.15 -0.36
C GLY C 35 23.77 -5.93 -0.08
N ARG C 36 24.90 -5.22 -0.16
CA ARG C 36 26.19 -5.83 0.06
C ARG C 36 26.62 -5.71 1.52
N HIS C 37 27.67 -6.43 1.88
CA HIS C 37 28.26 -6.38 3.22
C HIS C 37 29.29 -5.28 3.36
N LYS C 38 29.27 -4.28 2.48
CA LYS C 38 30.15 -3.12 2.57
C LYS C 38 29.36 -1.88 2.18
N THR C 39 29.95 -0.71 2.44
CA THR C 39 29.29 0.56 2.18
C THR C 39 30.26 1.49 1.48
N TYR C 40 29.81 2.13 0.40
CA TYR C 40 30.59 3.11 -0.33
C TYR C 40 29.96 4.48 -0.21
N LEU C 41 30.77 5.52 -0.42
CA LEU C 41 30.32 6.89 -0.24
C LEU C 41 31.01 7.76 -1.28
N CYS C 42 30.21 8.39 -2.14
CA CYS C 42 30.72 9.35 -3.13
C CYS C 42 30.41 10.76 -2.62
N TYR C 43 31.46 11.50 -2.26
CA TYR C 43 31.32 12.80 -1.63
C TYR C 43 31.75 13.91 -2.57
N GLU C 44 31.04 15.04 -2.47
CA GLU C 44 31.39 16.29 -3.14
C GLU C 44 31.47 17.39 -2.09
N VAL C 45 32.42 18.31 -2.27
CA VAL C 45 32.59 19.46 -1.39
C VAL C 45 32.66 20.70 -2.26
N GLU C 46 31.66 21.59 -2.12
CA GLU C 46 31.56 22.78 -2.95
C GLU C 46 31.56 24.03 -2.07
N ARG C 47 32.41 24.99 -2.40
CA ARG C 47 32.39 26.27 -1.70
C ARG C 47 31.21 27.10 -2.20
N LEU C 48 30.69 27.96 -1.33
CA LEU C 48 29.50 28.74 -1.62
C LEU C 48 29.79 30.23 -1.43
N ASP C 49 29.91 30.97 -2.53
CA ASP C 49 30.08 32.41 -2.50
C ASP C 49 29.08 33.03 -3.47
N ASN C 50 28.90 34.35 -3.38
CA ASN C 50 27.97 35.04 -4.26
C ASN C 50 28.58 35.35 -5.63
N GLY C 51 29.72 34.78 -5.96
CA GLY C 51 30.36 35.01 -7.25
C GLY C 51 31.85 34.80 -7.24
N MET C 56 33.75 27.95 -6.41
CA MET C 56 34.50 27.89 -7.66
C MET C 56 35.62 26.86 -7.60
N ASP C 57 36.01 26.49 -6.37
CA ASP C 57 36.95 25.41 -6.14
C ASP C 57 36.16 24.19 -5.66
N GLN C 58 36.03 23.19 -6.52
CA GLN C 58 35.21 22.03 -6.25
C GLN C 58 36.06 20.82 -5.87
N HIS C 59 35.40 19.82 -5.28
CA HIS C 59 36.09 18.63 -4.81
C HIS C 59 35.14 17.44 -4.88
N ARG C 60 35.62 16.33 -5.44
CA ARG C 60 34.86 15.09 -5.49
C ARG C 60 35.76 13.92 -5.10
N GLY C 61 35.13 12.82 -4.71
CA GLY C 61 35.87 11.63 -4.34
C GLY C 61 34.93 10.55 -3.87
N PHE C 62 35.52 9.43 -3.44
CA PHE C 62 34.74 8.31 -2.92
C PHE C 62 35.61 7.50 -1.98
N LEU C 63 34.93 6.75 -1.10
CA LEU C 63 35.60 5.89 -0.13
C LEU C 63 34.68 4.74 0.22
N HIS C 64 35.18 3.81 1.02
CA HIS C 64 34.38 2.71 1.53
C HIS C 64 34.76 2.45 2.97
N ASN C 65 33.89 1.73 3.68
CA ASN C 65 34.15 1.44 5.08
C ASN C 65 35.32 0.48 5.22
N GLN C 66 35.83 0.37 6.44
CA GLN C 66 36.86 -0.60 6.78
C GLN C 66 36.19 -1.73 7.55
N ALA C 67 36.25 -2.95 6.99
CA ALA C 67 35.53 -4.07 7.57
C ALA C 67 36.06 -4.39 8.97
N LYS C 68 35.14 -4.68 9.89
CA LYS C 68 35.52 -5.00 11.25
C LYS C 68 36.02 -6.44 11.35
N ASN C 69 37.12 -6.62 12.08
CA ASN C 69 37.70 -7.94 12.35
C ASN C 69 38.00 -7.96 13.85
N LEU C 70 37.02 -8.39 14.64
CA LEU C 70 37.15 -8.26 16.10
C LEU C 70 38.25 -9.14 16.65
N LEU C 71 38.51 -10.29 16.04
CA LEU C 71 39.54 -11.19 16.56
C LEU C 71 40.94 -10.65 16.32
N CYS C 72 41.16 -9.92 15.23
CA CYS C 72 42.42 -9.25 15.01
C CYS C 72 42.54 -7.95 15.79
N GLY C 73 41.53 -7.59 16.56
CA GLY C 73 41.55 -6.38 17.38
C GLY C 73 41.13 -5.13 16.65
N PHE C 74 40.64 -5.26 15.41
CA PHE C 74 40.19 -4.12 14.63
C PHE C 74 38.68 -3.95 14.81
N TYR C 75 38.26 -2.77 15.25
CA TYR C 75 36.83 -2.53 15.49
C TYR C 75 36.07 -2.15 14.23
N GLY C 76 36.75 -1.82 13.15
CA GLY C 76 36.07 -1.43 11.92
C GLY C 76 35.57 0.00 11.97
N ARG C 77 35.51 0.67 10.84
CA ARG C 77 35.04 2.06 10.76
C ARG C 77 34.07 2.19 9.61
N HIS C 78 32.83 2.58 9.91
CA HIS C 78 31.83 2.75 8.88
C HIS C 78 32.22 3.89 7.94
N ALA C 79 31.54 3.95 6.78
CA ALA C 79 31.90 4.91 5.75
C ALA C 79 31.67 6.34 6.20
N ALA C 80 30.67 6.58 7.05
CA ALA C 80 30.41 7.92 7.53
C ALA C 80 31.58 8.44 8.37
N LEU C 81 32.06 7.62 9.31
CA LEU C 81 33.22 8.01 10.11
C LEU C 81 34.46 8.17 9.24
N ARG C 82 34.60 7.36 8.20
CA ARG C 82 35.74 7.48 7.30
C ARG C 82 35.76 8.83 6.59
N PHE C 83 34.59 9.42 6.32
CA PHE C 83 34.58 10.76 5.75
C PHE C 83 34.93 11.82 6.78
N LEU C 84 34.43 11.67 8.02
CA LEU C 84 34.74 12.64 9.06
C LEU C 84 36.22 12.68 9.36
N ASP C 85 36.93 11.56 9.16
CA ASP C 85 38.38 11.57 9.27
C ASP C 85 39.04 12.30 8.11
N LEU C 86 38.36 12.39 6.97
CA LEU C 86 38.92 13.06 5.80
C LEU C 86 38.68 14.57 5.83
N VAL C 87 37.75 15.05 6.66
CA VAL C 87 37.46 16.48 6.69
C VAL C 87 38.69 17.31 7.01
N PRO C 88 39.54 16.96 7.99
CA PRO C 88 40.77 17.74 8.17
C PRO C 88 41.65 17.77 6.94
N SER C 89 41.63 16.73 6.11
CA SER C 89 42.43 16.72 4.89
C SER C 89 41.89 17.68 3.83
N LEU C 90 40.67 18.20 4.00
CA LEU C 90 40.09 19.10 3.02
C LEU C 90 40.55 20.53 3.21
N GLN C 91 41.07 20.88 4.38
CA GLN C 91 41.49 22.25 4.70
C GLN C 91 40.32 23.22 4.51
N LEU C 92 39.20 22.89 5.14
CA LEU C 92 38.00 23.71 5.00
C LEU C 92 38.15 25.01 5.79
N ASP C 93 37.91 26.12 5.12
CA ASP C 93 38.01 27.43 5.75
C ASP C 93 36.83 27.64 6.70
N PRO C 94 37.06 27.84 8.00
CA PRO C 94 35.95 28.06 8.93
C PRO C 94 35.20 29.36 8.68
N ALA C 95 35.75 30.26 7.86
CA ALA C 95 35.12 31.54 7.56
C ALA C 95 34.18 31.46 6.36
N GLN C 96 34.25 30.40 5.56
CA GLN C 96 33.41 30.22 4.39
C GLN C 96 32.44 29.07 4.61
N ILE C 97 31.44 28.99 3.73
CA ILE C 97 30.38 27.99 3.82
C ILE C 97 30.63 26.94 2.75
N TYR C 98 30.61 25.67 3.16
CA TYR C 98 30.79 24.55 2.24
C TYR C 98 29.56 23.67 2.27
N ARG C 99 29.21 23.15 1.09
CA ARG C 99 28.12 22.21 0.91
C ARG C 99 28.72 20.85 0.57
N VAL C 100 28.46 19.86 1.43
CA VAL C 100 28.94 18.50 1.26
C VAL C 100 27.77 17.64 0.79
N THR C 101 27.97 16.92 -0.30
CA THR C 101 26.95 16.03 -0.87
C THR C 101 27.45 14.59 -0.76
N TRP C 102 26.65 13.75 -0.10
CA TRP C 102 26.95 12.33 0.04
C TRP C 102 26.07 11.51 -0.88
N PHE C 103 26.66 10.49 -1.49
CA PHE C 103 25.94 9.44 -2.22
C PHE C 103 26.42 8.14 -1.60
N ILE C 104 25.72 7.68 -0.57
CA ILE C 104 26.18 6.58 0.28
C ILE C 104 25.37 5.34 -0.04
N SER C 105 26.03 4.18 0.02
CA SER C 105 25.37 2.92 -0.34
C SER C 105 24.28 2.56 0.66
N TRP C 106 24.61 2.62 1.96
CA TRP C 106 23.65 2.39 3.02
C TRP C 106 23.39 3.68 3.78
N SER C 107 22.18 3.84 4.28
CA SER C 107 21.87 4.99 5.13
C SER C 107 22.71 4.91 6.40
N PRO C 108 23.17 6.04 6.94
CA PRO C 108 24.00 6.01 8.14
C PRO C 108 23.28 5.37 9.31
N CYS C 109 24.03 4.65 10.14
CA CYS C 109 23.43 3.91 11.23
C CYS C 109 23.20 4.81 12.45
N PHE C 110 22.52 4.25 13.44
CA PHE C 110 22.29 4.93 14.72
C PHE C 110 22.87 4.17 15.89
N SER C 111 22.65 2.85 15.97
CA SER C 111 23.08 2.07 17.11
C SER C 111 24.60 2.02 17.26
N TRP C 112 25.34 2.27 16.19
CA TRP C 112 26.79 2.25 16.23
C TRP C 112 27.41 3.65 16.19
N GLY C 113 26.59 4.69 16.39
CA GLY C 113 27.09 6.02 16.65
C GLY C 113 27.30 6.90 15.44
N CYS C 114 26.98 6.44 14.23
CA CYS C 114 27.22 7.24 13.04
C CYS C 114 26.37 8.50 13.04
N ALA C 115 25.06 8.36 13.27
CA ALA C 115 24.17 9.52 13.27
C ALA C 115 24.58 10.52 14.35
N GLY C 116 25.01 10.02 15.50
CA GLY C 116 25.46 10.91 16.56
C GLY C 116 26.74 11.65 16.20
N GLU C 117 27.70 10.94 15.59
CA GLU C 117 28.95 11.58 15.20
C GLU C 117 28.73 12.61 14.10
N VAL C 118 27.85 12.30 13.15
CA VAL C 118 27.54 13.28 12.09
C VAL C 118 26.86 14.50 12.67
N ARG C 119 25.93 14.30 13.62
CA ARG C 119 25.30 15.43 14.29
C ARG C 119 26.33 16.24 15.07
N ALA C 120 27.27 15.56 15.72
CA ALA C 120 28.33 16.27 16.43
C ALA C 120 29.18 17.11 15.48
N PHE C 121 29.54 16.54 14.32
CA PHE C 121 30.34 17.31 13.36
C PHE C 121 29.58 18.53 12.86
N LEU C 122 28.28 18.40 12.62
CA LEU C 122 27.52 19.52 12.08
C LEU C 122 27.34 20.64 13.08
N GLN C 123 27.34 20.33 14.38
CA GLN C 123 27.20 21.40 15.38
C GLN C 123 28.54 22.05 15.69
N GLU C 124 29.61 21.26 15.80
CA GLU C 124 30.93 21.84 16.01
C GLU C 124 31.40 22.63 14.80
N ASN C 125 31.12 22.12 13.60
CA ASN C 125 31.50 22.76 12.34
C ASN C 125 30.22 23.31 11.73
N THR C 126 29.87 24.54 12.12
CA THR C 126 28.68 25.20 11.59
C THR C 126 28.87 25.71 10.17
N HIS C 127 30.12 25.74 9.67
CA HIS C 127 30.40 26.21 8.32
C HIS C 127 30.13 25.15 7.26
N VAL C 128 29.75 23.93 7.64
CA VAL C 128 29.50 22.84 6.71
C VAL C 128 28.02 22.48 6.75
N ARG C 129 27.41 22.42 5.56
CA ARG C 129 26.03 21.99 5.40
C ARG C 129 26.03 20.69 4.61
N LEU C 130 25.34 19.67 5.12
CA LEU C 130 25.42 18.33 4.57
C LEU C 130 24.08 17.91 3.97
N ARG C 131 24.15 17.24 2.81
CA ARG C 131 23.00 16.59 2.20
C ARG C 131 23.37 15.14 1.91
N ILE C 132 22.52 14.21 2.34
CA ILE C 132 22.81 12.78 2.27
C ILE C 132 21.81 12.13 1.30
N PHE C 133 22.34 11.43 0.30
CA PHE C 133 21.53 10.63 -0.62
C PHE C 133 21.88 9.17 -0.42
N ALA C 134 20.93 8.40 0.09
CA ALA C 134 21.12 6.98 0.38
C ALA C 134 20.51 6.13 -0.72
N ALA C 135 21.27 5.17 -1.23
CA ALA C 135 20.74 4.25 -2.23
C ALA C 135 19.83 3.21 -1.60
N ARG C 136 20.18 2.73 -0.40
CA ARG C 136 19.37 1.78 0.34
C ARG C 136 19.20 2.27 1.76
N ILE C 137 18.17 1.75 2.43
CA ILE C 137 17.90 2.05 3.83
C ILE C 137 18.49 0.91 4.66
N TYR C 138 19.36 1.26 5.60
CA TYR C 138 20.04 0.27 6.45
C TYR C 138 19.11 -0.16 7.57
N ASP C 139 18.01 -0.82 7.18
CA ASP C 139 17.00 -1.25 8.13
C ASP C 139 17.43 -2.45 8.97
N TYR C 140 18.64 -2.97 8.78
CA TYR C 140 19.15 -3.98 9.70
C TYR C 140 19.34 -3.39 11.09
N ASP C 141 19.81 -2.15 11.16
CA ASP C 141 19.87 -1.42 12.42
C ASP C 141 18.45 -1.19 12.93
N PRO C 142 18.11 -1.70 14.12
CA PRO C 142 16.74 -1.52 14.62
C PRO C 142 16.33 -0.07 14.78
N LEU C 143 17.28 0.86 14.83
CA LEU C 143 17.01 2.27 15.01
C LEU C 143 17.40 3.08 13.78
N TYR C 144 17.19 2.52 12.59
CA TYR C 144 17.50 3.25 11.35
C TYR C 144 16.60 4.47 11.21
N LYS C 145 15.33 4.33 11.61
CA LYS C 145 14.44 5.48 11.60
C LYS C 145 14.97 6.58 12.51
N GLU C 146 15.45 6.22 13.70
CA GLU C 146 16.03 7.21 14.60
C GLU C 146 17.30 7.82 14.00
N ALA C 147 18.03 7.06 13.19
CA ALA C 147 19.22 7.60 12.52
C ALA C 147 18.82 8.67 11.51
N LEU C 148 17.86 8.35 10.63
CA LEU C 148 17.42 9.31 9.63
C LEU C 148 16.82 10.54 10.30
N GLN C 149 16.03 10.34 11.36
CA GLN C 149 15.42 11.46 12.06
C GLN C 149 16.47 12.34 12.73
N MET C 150 17.49 11.73 13.33
CA MET C 150 18.57 12.53 13.94
C MET C 150 19.34 13.30 12.87
N LEU C 151 19.59 12.68 11.72
CA LEU C 151 20.27 13.38 10.64
C LEU C 151 19.44 14.56 10.15
N ARG C 152 18.12 14.39 10.05
CA ARG C 152 17.26 15.49 9.64
C ARG C 152 17.28 16.61 10.67
N ASP C 153 17.13 16.27 11.96
CA ASP C 153 17.09 17.26 13.02
C ASP C 153 18.42 17.97 13.22
N ALA C 154 19.49 17.51 12.58
CA ALA C 154 20.80 18.14 12.69
C ALA C 154 21.08 19.12 11.56
N GLY C 155 20.09 19.37 10.70
CA GLY C 155 20.26 20.29 9.59
C GLY C 155 20.68 19.65 8.29
N ALA C 156 20.80 18.32 8.25
CA ALA C 156 21.24 17.63 7.04
C ALA C 156 20.02 17.16 6.25
N GLN C 157 20.06 17.37 4.94
CA GLN C 157 19.01 16.87 4.07
C GLN C 157 19.16 15.37 3.89
N VAL C 158 18.07 14.64 4.08
CA VAL C 158 18.06 13.18 3.97
C VAL C 158 17.09 12.81 2.86
N SER C 159 17.59 12.15 1.82
CA SER C 159 16.79 11.77 0.67
C SER C 159 17.22 10.39 0.19
N ILE C 160 16.38 9.81 -0.68
CA ILE C 160 16.64 8.51 -1.28
C ILE C 160 17.09 8.73 -2.71
N MET C 161 18.12 8.00 -3.14
CA MET C 161 18.64 8.13 -4.49
C MET C 161 17.61 7.68 -5.51
N THR C 162 17.36 8.53 -6.50
CA THR C 162 16.49 8.21 -7.62
C THR C 162 17.33 8.12 -8.90
N TYR C 163 16.65 7.96 -10.03
CA TYR C 163 17.35 7.81 -11.31
C TYR C 163 18.31 8.97 -11.56
N ASP C 164 17.90 10.19 -11.20
CA ASP C 164 18.75 11.35 -11.43
C ASP C 164 20.04 11.27 -10.60
N GLU C 165 19.94 10.77 -9.37
CA GLU C 165 21.12 10.68 -8.52
C GLU C 165 22.05 9.55 -8.99
N PHE C 166 21.49 8.41 -9.38
CA PHE C 166 22.31 7.32 -9.91
C PHE C 166 23.01 7.75 -11.19
N LYS C 167 22.29 8.47 -12.07
CA LYS C 167 22.90 8.95 -13.30
C LYS C 167 24.00 9.96 -13.03
N HIS C 168 23.82 10.79 -11.99
CA HIS C 168 24.85 11.76 -11.62
C HIS C 168 26.13 11.07 -11.20
N CYS C 169 26.03 10.07 -10.30
CA CYS C 169 27.21 9.36 -9.84
C CYS C 169 27.89 8.61 -10.98
N TRP C 170 27.12 8.11 -11.95
CA TRP C 170 27.72 7.43 -13.10
C TRP C 170 28.53 8.41 -13.94
N ASP C 171 28.01 9.62 -14.14
CA ASP C 171 28.67 10.59 -15.00
C ASP C 171 29.86 11.26 -14.30
N THR C 172 29.82 11.41 -12.98
CA THR C 172 30.81 12.19 -12.26
C THR C 172 31.82 11.34 -11.49
N PHE C 173 31.41 10.19 -10.97
CA PHE C 173 32.28 9.37 -10.14
C PHE C 173 32.75 8.08 -10.80
N VAL C 174 32.12 7.66 -11.90
CA VAL C 174 32.39 6.36 -12.51
C VAL C 174 33.17 6.60 -13.80
N ASP C 175 34.20 5.76 -14.02
CA ASP C 175 34.97 5.78 -15.27
C ASP C 175 34.12 5.11 -16.34
N HIS C 176 33.14 5.88 -16.83
CA HIS C 176 32.17 5.35 -17.80
C HIS C 176 32.76 5.22 -19.20
N GLN C 177 33.84 5.95 -19.51
CA GLN C 177 34.49 5.90 -20.82
C GLN C 177 33.54 6.26 -21.95
N GLY C 178 32.57 7.13 -21.67
CA GLY C 178 31.60 7.56 -22.65
C GLY C 178 30.29 6.79 -22.64
N CYS C 179 30.24 5.66 -21.95
CA CYS C 179 29.02 4.87 -21.89
C CYS C 179 27.98 5.57 -21.03
N PRO C 180 26.79 5.87 -21.55
CA PRO C 180 25.76 6.49 -20.72
C PRO C 180 25.24 5.53 -19.66
N PHE C 181 24.59 6.10 -18.65
CA PHE C 181 24.07 5.30 -17.55
C PHE C 181 22.87 4.49 -18.02
N GLN C 182 22.97 3.16 -17.93
CA GLN C 182 21.86 2.28 -18.24
C GLN C 182 21.29 1.75 -16.92
N PRO C 183 20.10 2.17 -16.52
CA PRO C 183 19.58 1.76 -15.21
C PRO C 183 19.28 0.26 -15.16
N TRP C 184 19.52 -0.31 -13.98
CA TRP C 184 19.28 -1.72 -13.76
C TRP C 184 17.79 -1.98 -13.48
N ASP C 185 17.42 -3.26 -13.53
CA ASP C 185 16.05 -3.64 -13.24
C ASP C 185 15.74 -3.41 -11.77
N GLY C 186 14.65 -2.70 -11.51
CA GLY C 186 14.22 -2.40 -10.16
C GLY C 186 14.78 -1.15 -9.56
N LEU C 187 15.43 -0.29 -10.36
CA LEU C 187 15.97 0.97 -9.84
C LEU C 187 14.85 1.89 -9.39
N ASP C 188 13.93 2.21 -10.31
CA ASP C 188 12.83 3.10 -9.99
C ASP C 188 11.88 2.48 -8.98
N GLU C 189 11.70 1.16 -9.02
CA GLU C 189 10.79 0.50 -8.09
C GLU C 189 11.30 0.64 -6.65
N HIS C 190 12.51 0.15 -6.39
CA HIS C 190 13.08 0.27 -5.05
C HIS C 190 13.25 1.73 -4.66
N SER C 191 13.54 2.61 -5.63
CA SER C 191 13.66 4.02 -5.32
C SER C 191 12.34 4.60 -4.84
N GLN C 192 11.24 4.22 -5.49
CA GLN C 192 9.92 4.67 -5.06
C GLN C 192 9.57 4.11 -3.68
N ALA C 193 9.81 2.82 -3.46
CA ALA C 193 9.50 2.21 -2.18
C ALA C 193 10.28 2.86 -1.04
N LEU C 194 11.60 2.98 -1.20
CA LEU C 194 12.42 3.60 -0.16
C LEU C 194 12.08 5.07 0.01
N SER C 195 11.75 5.76 -1.08
CA SER C 195 11.32 7.15 -0.97
C SER C 195 10.04 7.26 -0.16
N GLY C 196 9.13 6.30 -0.31
CA GLY C 196 7.92 6.31 0.49
C GLY C 196 8.19 6.00 1.96
N ARG C 197 9.07 5.04 2.22
CA ARG C 197 9.43 4.72 3.60
C ARG C 197 10.05 5.93 4.29
N LEU C 198 11.02 6.58 3.63
CA LEU C 198 11.64 7.77 4.20
C LEU C 198 10.62 8.89 4.36
N ARG C 199 9.69 9.01 3.39
CA ARG C 199 8.63 10.00 3.52
C ARG C 199 7.77 9.74 4.75
N ALA C 200 7.58 8.47 5.11
CA ALA C 200 6.83 8.14 6.31
C ALA C 200 7.65 8.33 7.58
N ILE C 201 8.98 8.21 7.48
CA ILE C 201 9.82 8.34 8.67
C ILE C 201 9.99 9.80 9.07
N LEU C 202 10.14 10.69 8.09
CA LEU C 202 10.41 12.10 8.38
C LEU C 202 9.12 12.91 8.42
N GLN C 203 8.23 12.53 9.33
CA GLN C 203 6.94 13.20 9.52
C GLN C 203 6.89 13.94 10.86
N ASN C 204 8.02 14.52 11.26
CA ASN C 204 8.08 15.33 12.49
C ASN C 204 9.12 16.43 12.36
N SER D 15 -28.90 42.46 -8.39
CA SER D 15 -28.32 43.30 -7.35
C SER D 15 -26.86 43.61 -7.65
N GLY D 16 -26.01 42.59 -7.58
CA GLY D 16 -24.60 42.74 -7.86
C GLY D 16 -24.19 42.00 -9.11
N PRO D 17 -22.93 42.17 -9.51
CA PRO D 17 -22.43 41.47 -10.72
C PRO D 17 -22.46 39.95 -10.51
N ARG D 18 -23.26 39.27 -11.33
CA ARG D 18 -23.37 37.82 -11.30
C ARG D 18 -23.28 37.29 -12.73
N HIS D 19 -22.46 36.26 -12.92
CA HIS D 19 -22.35 35.60 -14.21
C HIS D 19 -23.31 34.41 -14.22
N LEU D 20 -24.39 34.54 -14.98
CA LEU D 20 -25.45 33.53 -15.03
C LEU D 20 -25.24 32.62 -16.23
N MET D 21 -26.16 31.68 -16.41
CA MET D 21 -26.09 30.67 -17.45
C MET D 21 -27.07 30.99 -18.57
N ASP D 22 -26.68 30.71 -19.81
CA ASP D 22 -27.55 30.97 -20.94
C ASP D 22 -28.77 30.05 -20.89
N PRO D 23 -29.97 30.57 -21.16
CA PRO D 23 -31.18 29.74 -21.05
C PRO D 23 -31.19 28.55 -22.00
N HIS D 24 -30.72 28.74 -23.24
CA HIS D 24 -30.69 27.63 -24.18
C HIS D 24 -29.74 26.51 -23.73
N ILE D 25 -28.64 26.88 -23.07
CA ILE D 25 -27.73 25.88 -22.53
C ILE D 25 -28.42 25.10 -21.42
N PHE D 26 -29.15 25.78 -20.53
CA PHE D 26 -29.82 25.11 -19.43
C PHE D 26 -30.91 24.17 -19.95
N THR D 27 -31.88 24.71 -20.70
CA THR D 27 -32.96 23.87 -21.21
C THR D 27 -32.47 22.84 -22.21
N SER D 28 -31.27 22.99 -22.75
CA SER D 28 -30.71 22.01 -23.67
C SER D 28 -30.02 20.87 -22.94
N ASN D 29 -29.25 21.17 -21.89
CA ASN D 29 -28.48 20.14 -21.20
C ASN D 29 -29.25 19.47 -20.06
N PHE D 30 -29.99 20.25 -19.28
CA PHE D 30 -30.70 19.71 -18.13
C PHE D 30 -32.04 19.08 -18.50
N ASN D 31 -32.33 18.92 -19.78
CA ASN D 31 -33.54 18.21 -20.18
C ASN D 31 -33.37 16.72 -19.87
N ASN D 32 -34.19 16.21 -18.97
CA ASN D 32 -34.08 14.81 -18.55
C ASN D 32 -34.69 13.84 -19.55
N GLY D 33 -35.07 14.31 -20.74
CA GLY D 33 -35.59 13.43 -21.77
C GLY D 33 -34.57 13.15 -22.85
N ILE D 34 -33.83 14.17 -23.26
CA ILE D 34 -32.80 14.05 -24.29
C ILE D 34 -31.44 14.23 -23.64
N GLY D 35 -30.53 13.30 -23.90
CA GLY D 35 -29.20 13.32 -23.32
C GLY D 35 -28.16 13.85 -24.28
N ARG D 36 -27.41 14.84 -23.83
CA ARG D 36 -26.37 15.45 -24.64
C ARG D 36 -25.01 14.78 -24.39
N HIS D 37 -24.07 15.08 -25.28
CA HIS D 37 -22.69 14.59 -25.17
C HIS D 37 -21.81 15.49 -24.33
N LYS D 38 -22.39 16.31 -23.46
CA LYS D 38 -21.66 17.16 -22.54
C LYS D 38 -22.36 17.11 -21.19
N THR D 39 -21.68 17.62 -20.17
CA THR D 39 -22.20 17.61 -18.82
C THR D 39 -21.97 18.97 -18.16
N TYR D 40 -23.02 19.50 -17.53
CA TYR D 40 -22.94 20.75 -16.81
C TYR D 40 -23.17 20.50 -15.32
N LEU D 41 -22.72 21.46 -14.51
CA LEU D 41 -22.74 21.32 -13.06
C LEU D 41 -23.05 22.68 -12.44
N CYS D 42 -24.18 22.78 -11.75
CA CYS D 42 -24.54 23.97 -10.98
C CYS D 42 -24.27 23.68 -9.52
N TYR D 43 -23.27 24.33 -8.95
CA TYR D 43 -22.81 24.06 -7.59
C TYR D 43 -23.16 25.21 -6.66
N GLU D 44 -23.50 24.87 -5.42
CA GLU D 44 -23.68 25.83 -4.34
C GLU D 44 -22.81 25.42 -3.16
N VAL D 45 -22.26 26.41 -2.47
CA VAL D 45 -21.43 26.18 -1.28
C VAL D 45 -21.98 27.07 -0.17
N GLU D 46 -22.49 26.44 0.90
CA GLU D 46 -23.13 27.15 1.99
C GLU D 46 -22.43 26.85 3.31
N ARG D 47 -22.11 27.89 4.06
CA ARG D 47 -21.55 27.76 5.39
C ARG D 47 -22.65 27.36 6.38
N LEU D 48 -22.26 26.67 7.44
CA LEU D 48 -23.20 26.15 8.43
C LEU D 48 -22.79 26.66 9.81
N ASP D 49 -23.42 27.75 10.25
CA ASP D 49 -23.19 28.31 11.58
C ASP D 49 -24.53 28.59 12.25
N ASN D 50 -24.52 29.32 13.37
CA ASN D 50 -25.75 29.68 14.06
C ASN D 50 -26.20 31.10 13.81
N GLY D 51 -25.27 32.02 13.56
CA GLY D 51 -25.61 33.41 13.35
C GLY D 51 -26.38 33.68 12.06
N LYS D 55 -24.45 35.56 10.15
CA LYS D 55 -23.31 34.77 9.73
C LYS D 55 -23.70 33.83 8.58
N MET D 56 -23.47 34.27 7.36
CA MET D 56 -23.80 33.48 6.18
C MET D 56 -22.68 33.62 5.16
N ASP D 57 -22.48 32.55 4.38
CA ASP D 57 -21.55 32.60 3.25
C ASP D 57 -22.14 31.76 2.12
N GLN D 58 -22.67 32.44 1.11
CA GLN D 58 -23.32 31.80 -0.02
C GLN D 58 -22.43 31.93 -1.25
N HIS D 59 -22.41 30.88 -2.07
CA HIS D 59 -21.57 30.87 -3.26
C HIS D 59 -22.27 30.02 -4.31
N ARG D 60 -22.38 30.55 -5.52
CA ARG D 60 -22.97 29.81 -6.64
C ARG D 60 -22.12 29.99 -7.88
N GLY D 61 -22.30 29.06 -8.82
CA GLY D 61 -21.60 29.10 -10.08
C GLY D 61 -21.93 27.87 -10.88
N PHE D 62 -21.30 27.76 -12.04
CA PHE D 62 -21.51 26.60 -12.90
C PHE D 62 -20.30 26.37 -13.78
N LEU D 63 -20.17 25.13 -14.25
CA LEU D 63 -19.06 24.73 -15.11
C LEU D 63 -19.54 23.56 -15.98
N HIS D 64 -18.66 23.14 -16.89
CA HIS D 64 -18.94 22.00 -17.74
C HIS D 64 -17.66 21.19 -17.90
N ASN D 65 -17.83 19.95 -18.38
CA ASN D 65 -16.71 19.03 -18.52
C ASN D 65 -15.75 19.51 -19.61
N GLN D 66 -14.58 18.88 -19.64
CA GLN D 66 -13.57 19.11 -20.66
C GLN D 66 -13.65 17.98 -21.68
N ALA D 67 -13.92 18.34 -22.94
CA ALA D 67 -14.13 17.33 -23.96
C ALA D 67 -12.86 16.52 -24.18
N LYS D 68 -13.02 15.20 -24.32
CA LYS D 68 -11.89 14.32 -24.56
C LYS D 68 -11.43 14.41 -26.01
N ASN D 69 -10.11 14.51 -26.20
CA ASN D 69 -9.50 14.57 -27.53
C ASN D 69 -8.39 13.53 -27.54
N LEU D 70 -8.74 12.28 -27.89
CA LEU D 70 -7.78 11.19 -27.81
C LEU D 70 -6.61 11.38 -28.77
N LEU D 71 -6.86 11.96 -29.95
CA LEU D 71 -5.79 12.17 -30.92
C LEU D 71 -4.90 13.36 -30.57
N CYS D 72 -5.45 14.38 -29.93
CA CYS D 72 -4.70 15.58 -29.57
C CYS D 72 -4.04 15.47 -28.19
N GLY D 73 -4.17 14.33 -27.53
CA GLY D 73 -3.55 14.14 -26.23
C GLY D 73 -4.36 14.60 -25.04
N PHE D 74 -5.63 14.95 -25.24
CA PHE D 74 -6.49 15.37 -24.14
C PHE D 74 -7.23 14.16 -23.61
N TYR D 75 -7.08 13.90 -22.31
CA TYR D 75 -7.79 12.78 -21.71
C TYR D 75 -9.21 13.12 -21.32
N GLY D 76 -9.56 14.40 -21.36
CA GLY D 76 -10.89 14.85 -20.98
C GLY D 76 -11.04 14.88 -19.49
N ARG D 77 -11.85 15.81 -18.97
CA ARG D 77 -12.08 15.92 -17.54
C ARG D 77 -13.58 16.06 -17.32
N HIS D 78 -14.18 15.09 -16.63
CA HIS D 78 -15.60 15.14 -16.38
C HIS D 78 -15.94 16.29 -15.43
N ALA D 79 -17.24 16.63 -15.39
CA ALA D 79 -17.67 17.79 -14.62
C ALA D 79 -17.42 17.62 -13.12
N ALA D 80 -17.49 16.38 -12.62
CA ALA D 80 -17.24 16.14 -11.21
C ALA D 80 -15.80 16.47 -10.84
N LEU D 81 -14.84 15.98 -11.63
CA LEU D 81 -13.44 16.29 -11.39
C LEU D 81 -13.16 17.78 -11.54
N ARG D 82 -13.84 18.43 -12.49
CA ARG D 82 -13.64 19.87 -12.68
C ARG D 82 -14.07 20.66 -11.45
N PHE D 83 -15.05 20.17 -10.69
CA PHE D 83 -15.41 20.85 -9.45
C PHE D 83 -14.37 20.61 -8.37
N LEU D 84 -13.84 19.38 -8.30
CA LEU D 84 -12.81 19.09 -7.29
C LEU D 84 -11.56 19.93 -7.52
N ASP D 85 -11.31 20.33 -8.77
CA ASP D 85 -10.21 21.26 -9.05
C ASP D 85 -10.53 22.67 -8.56
N LEU D 86 -11.81 23.02 -8.43
CA LEU D 86 -12.20 24.34 -7.98
C LEU D 86 -12.25 24.48 -6.46
N VAL D 87 -12.27 23.35 -5.74
CA VAL D 87 -12.36 23.43 -4.28
C VAL D 87 -11.22 24.21 -3.67
N PRO D 88 -9.96 24.05 -4.08
CA PRO D 88 -8.91 24.93 -3.54
C PRO D 88 -9.16 26.40 -3.78
N SER D 89 -9.85 26.76 -4.86
CA SER D 89 -10.16 28.16 -5.13
C SER D 89 -11.20 28.72 -4.18
N LEU D 90 -11.90 27.87 -3.43
CA LEU D 90 -12.95 28.35 -2.53
C LEU D 90 -12.40 28.81 -1.19
N GLN D 91 -11.18 28.39 -0.83
CA GLN D 91 -10.57 28.73 0.45
C GLN D 91 -11.47 28.30 1.61
N LEU D 92 -11.87 27.02 1.59
CA LEU D 92 -12.76 26.50 2.61
C LEU D 92 -12.00 26.32 3.92
N ASP D 93 -12.56 26.86 5.00
CA ASP D 93 -11.94 26.74 6.32
C ASP D 93 -12.11 25.32 6.84
N PRO D 94 -11.02 24.59 7.11
CA PRO D 94 -11.16 23.22 7.61
C PRO D 94 -11.78 23.13 9.00
N ALA D 95 -11.93 24.26 9.71
CA ALA D 95 -12.51 24.24 11.05
C ALA D 95 -14.01 24.38 11.05
N GLN D 96 -14.61 24.80 9.94
CA GLN D 96 -16.05 24.95 9.82
C GLN D 96 -16.60 23.94 8.83
N ILE D 97 -17.92 23.78 8.84
CA ILE D 97 -18.61 22.80 8.01
C ILE D 97 -19.30 23.51 6.86
N TYR D 98 -19.06 23.02 5.65
CA TYR D 98 -19.68 23.55 4.44
C TYR D 98 -20.51 22.46 3.79
N ARG D 99 -21.67 22.84 3.24
CA ARG D 99 -22.54 21.94 2.51
C ARG D 99 -22.51 22.32 1.04
N VAL D 100 -22.09 21.37 0.19
CA VAL D 100 -22.00 21.58 -1.25
C VAL D 100 -23.18 20.90 -1.92
N THR D 101 -23.90 21.65 -2.75
CA THR D 101 -25.06 21.14 -3.49
C THR D 101 -24.74 21.14 -4.97
N TRP D 102 -24.86 19.98 -5.61
CA TRP D 102 -24.64 19.80 -7.04
C TRP D 102 -25.98 19.65 -7.76
N PHE D 103 -26.08 20.28 -8.92
CA PHE D 103 -27.17 20.04 -9.87
C PHE D 103 -26.48 19.69 -11.19
N ILE D 104 -26.25 18.40 -11.40
CA ILE D 104 -25.39 17.92 -12.48
C ILE D 104 -26.26 17.31 -13.58
N SER D 105 -25.83 17.51 -14.83
CA SER D 105 -26.61 17.04 -15.97
C SER D 105 -26.64 15.52 -16.03
N TRP D 106 -25.49 14.88 -15.91
CA TRP D 106 -25.38 13.43 -15.86
C TRP D 106 -24.94 13.00 -14.48
N SER D 107 -25.41 11.83 -14.05
CA SER D 107 -24.95 11.28 -12.79
C SER D 107 -23.46 10.96 -12.88
N PRO D 108 -22.71 11.16 -11.79
CA PRO D 108 -21.26 10.90 -11.84
C PRO D 108 -20.97 9.44 -12.21
N CYS D 109 -19.89 9.24 -12.97
CA CYS D 109 -19.56 7.92 -13.47
C CYS D 109 -18.80 7.12 -12.42
N PHE D 110 -18.57 5.84 -12.74
CA PHE D 110 -17.77 4.95 -11.92
C PHE D 110 -16.55 4.41 -12.65
N SER D 111 -16.74 3.95 -13.90
CA SER D 111 -15.66 3.30 -14.63
C SER D 111 -14.51 4.26 -14.95
N TRP D 112 -14.76 5.57 -14.93
CA TRP D 112 -13.74 6.55 -15.23
C TRP D 112 -13.25 7.29 -13.98
N GLY D 113 -13.59 6.79 -12.79
CA GLY D 113 -12.98 7.23 -11.56
C GLY D 113 -13.65 8.38 -10.84
N CYS D 114 -14.78 8.89 -11.35
CA CYS D 114 -15.42 10.04 -10.72
C CYS D 114 -15.96 9.69 -9.34
N ALA D 115 -16.73 8.59 -9.25
CA ALA D 115 -17.30 8.21 -7.96
C ALA D 115 -16.21 7.93 -6.92
N GLY D 116 -15.12 7.29 -7.35
CA GLY D 116 -14.02 7.03 -6.44
C GLY D 116 -13.31 8.31 -6.00
N GLU D 117 -13.09 9.24 -6.94
CA GLU D 117 -12.42 10.48 -6.61
C GLU D 117 -13.28 11.35 -5.70
N VAL D 118 -14.60 11.37 -5.94
CA VAL D 118 -15.50 12.13 -5.06
C VAL D 118 -15.50 11.55 -3.66
N ARG D 119 -15.52 10.21 -3.56
CA ARG D 119 -15.43 9.57 -2.25
C ARG D 119 -14.11 9.90 -1.56
N ALA D 120 -13.02 9.92 -2.32
CA ALA D 120 -11.73 10.30 -1.75
C ALA D 120 -11.77 11.73 -1.22
N PHE D 121 -12.35 12.65 -1.99
CA PHE D 121 -12.46 14.03 -1.51
C PHE D 121 -13.31 14.11 -0.25
N LEU D 122 -14.39 13.33 -0.19
CA LEU D 122 -15.26 13.36 0.99
C LEU D 122 -14.56 12.75 2.20
N GLN D 123 -13.60 11.85 1.98
CA GLN D 123 -12.89 11.25 3.10
C GLN D 123 -11.75 12.14 3.59
N GLU D 124 -11.00 12.74 2.67
CA GLU D 124 -9.92 13.64 3.08
C GLU D 124 -10.48 14.92 3.70
N ASN D 125 -11.56 15.45 3.14
CA ASN D 125 -12.18 16.69 3.61
C ASN D 125 -13.47 16.34 4.32
N THR D 126 -13.38 16.06 5.62
CA THR D 126 -14.56 15.77 6.42
C THR D 126 -15.39 17.01 6.71
N HIS D 127 -14.84 18.20 6.47
CA HIS D 127 -15.54 19.45 6.68
C HIS D 127 -16.51 19.80 5.54
N VAL D 128 -16.56 18.98 4.49
CA VAL D 128 -17.43 19.22 3.35
C VAL D 128 -18.47 18.11 3.29
N ARG D 129 -19.74 18.51 3.19
CA ARG D 129 -20.85 17.59 3.04
C ARG D 129 -21.50 17.83 1.68
N LEU D 130 -21.70 16.77 0.91
CA LEU D 130 -22.13 16.87 -0.48
C LEU D 130 -23.53 16.29 -0.67
N ARG D 131 -24.34 16.98 -1.47
CA ARG D 131 -25.62 16.47 -1.94
C ARG D 131 -25.65 16.60 -3.46
N ILE D 132 -25.99 15.51 -4.14
CA ILE D 132 -25.93 15.46 -5.61
C ILE D 132 -27.35 15.30 -6.14
N PHE D 133 -27.74 16.20 -7.03
CA PHE D 133 -29.01 16.11 -7.76
C PHE D 133 -28.70 15.92 -9.23
N ALA D 134 -29.03 14.74 -9.77
CA ALA D 134 -28.76 14.39 -11.15
C ALA D 134 -30.03 14.54 -11.98
N ALA D 135 -29.91 15.24 -13.12
CA ALA D 135 -31.04 15.37 -14.03
C ALA D 135 -31.29 14.08 -14.81
N ARG D 136 -30.21 13.42 -15.23
CA ARG D 136 -30.30 12.15 -15.92
C ARG D 136 -29.36 11.14 -15.28
N ILE D 137 -29.63 9.87 -15.53
CA ILE D 137 -28.78 8.78 -15.07
C ILE D 137 -27.83 8.39 -16.20
N TYR D 138 -26.53 8.40 -15.90
CA TYR D 138 -25.50 8.10 -16.90
C TYR D 138 -25.37 6.58 -17.04
N ASP D 139 -26.45 5.98 -17.54
CA ASP D 139 -26.50 4.53 -17.69
C ASP D 139 -25.67 4.01 -18.84
N TYR D 140 -24.98 4.88 -19.59
CA TYR D 140 -24.01 4.38 -20.57
C TYR D 140 -22.86 3.67 -19.88
N ASP D 141 -22.42 4.20 -18.74
CA ASP D 141 -21.43 3.53 -17.91
C ASP D 141 -22.04 2.24 -17.37
N PRO D 142 -21.47 1.07 -17.69
CA PRO D 142 -22.05 -0.19 -17.20
C PRO D 142 -22.12 -0.29 -15.68
N LEU D 143 -21.37 0.54 -14.96
CA LEU D 143 -21.34 0.51 -13.51
C LEU D 143 -21.90 1.80 -12.91
N TYR D 144 -22.94 2.36 -13.53
CA TYR D 144 -23.57 3.56 -12.98
C TYR D 144 -24.20 3.28 -11.63
N LYS D 145 -24.79 2.10 -11.47
CA LYS D 145 -25.33 1.71 -10.17
C LYS D 145 -24.24 1.71 -9.11
N GLU D 146 -23.06 1.17 -9.44
CA GLU D 146 -21.95 1.20 -8.50
C GLU D 146 -21.49 2.62 -8.21
N ALA D 147 -21.64 3.54 -9.18
CA ALA D 147 -21.30 4.93 -8.95
C ALA D 147 -22.25 5.55 -7.94
N LEU D 148 -23.55 5.41 -8.16
CA LEU D 148 -24.53 5.99 -7.24
C LEU D 148 -24.39 5.36 -5.85
N GLN D 149 -24.19 4.05 -5.78
CA GLN D 149 -24.04 3.38 -4.49
C GLN D 149 -22.78 3.85 -3.77
N MET D 150 -21.66 4.00 -4.51
CA MET D 150 -20.44 4.50 -3.87
C MET D 150 -20.61 5.92 -3.38
N LEU D 151 -21.30 6.77 -4.16
CA LEU D 151 -21.55 8.13 -3.72
C LEU D 151 -22.41 8.15 -2.45
N ARG D 152 -23.42 7.28 -2.38
CA ARG D 152 -24.25 7.21 -1.19
C ARG D 152 -23.44 6.73 0.02
N ASP D 153 -22.63 5.68 -0.16
CA ASP D 153 -21.85 5.11 0.94
C ASP D 153 -20.77 6.05 1.43
N ALA D 154 -20.50 7.16 0.74
CA ALA D 154 -19.51 8.13 1.15
C ALA D 154 -20.09 9.28 1.94
N GLY D 155 -21.38 9.22 2.26
CA GLY D 155 -22.03 10.28 3.00
C GLY D 155 -22.71 11.33 2.15
N ALA D 156 -22.71 11.16 0.83
CA ALA D 156 -23.31 12.14 -0.07
C ALA D 156 -24.75 11.74 -0.40
N GLN D 157 -25.65 12.71 -0.33
CA GLN D 157 -27.02 12.47 -0.73
C GLN D 157 -27.13 12.37 -2.25
N VAL D 158 -27.79 11.33 -2.73
CA VAL D 158 -27.97 11.09 -4.15
C VAL D 158 -29.46 11.10 -4.45
N SER D 159 -29.89 12.04 -5.31
CA SER D 159 -31.29 12.21 -5.64
C SER D 159 -31.43 12.54 -7.12
N ILE D 160 -32.65 12.44 -7.61
CA ILE D 160 -32.99 12.75 -9.00
C ILE D 160 -33.71 14.10 -9.01
N MET D 161 -33.34 14.95 -9.98
CA MET D 161 -33.95 16.26 -10.08
C MET D 161 -35.44 16.15 -10.43
N THR D 162 -36.26 16.84 -9.66
CA THR D 162 -37.69 16.95 -9.90
C THR D 162 -38.02 18.39 -10.29
N TYR D 163 -39.32 18.68 -10.42
CA TYR D 163 -39.75 20.02 -10.85
C TYR D 163 -39.18 21.10 -9.92
N ASP D 164 -39.12 20.83 -8.61
CA ASP D 164 -38.62 21.83 -7.68
C ASP D 164 -37.15 22.15 -7.94
N GLU D 165 -36.35 21.14 -8.28
CA GLU D 165 -34.93 21.37 -8.53
C GLU D 165 -34.71 22.11 -9.85
N PHE D 166 -35.46 21.75 -10.89
CA PHE D 166 -35.36 22.47 -12.16
C PHE D 166 -35.78 23.92 -11.99
N LYS D 167 -36.86 24.17 -11.24
CA LYS D 167 -37.30 25.53 -10.99
C LYS D 167 -36.27 26.31 -10.16
N HIS D 168 -35.63 25.63 -9.21
CA HIS D 168 -34.58 26.26 -8.42
C HIS D 168 -33.40 26.68 -9.30
N CYS D 169 -32.91 25.76 -10.13
CA CYS D 169 -31.80 26.07 -11.03
C CYS D 169 -32.17 27.17 -12.02
N TRP D 170 -33.43 27.18 -12.47
CA TRP D 170 -33.87 28.24 -13.37
C TRP D 170 -33.88 29.60 -12.67
N ASP D 171 -34.32 29.64 -11.42
CA ASP D 171 -34.45 30.91 -10.71
C ASP D 171 -33.11 31.43 -10.22
N THR D 172 -32.16 30.55 -9.89
CA THR D 172 -30.91 30.97 -9.26
C THR D 172 -29.70 30.95 -10.19
N PHE D 173 -29.65 30.05 -11.16
CA PHE D 173 -28.49 29.92 -12.03
C PHE D 173 -28.72 30.43 -13.45
N VAL D 174 -29.96 30.65 -13.87
CA VAL D 174 -30.29 30.99 -15.25
C VAL D 174 -30.67 32.46 -15.31
N ASP D 175 -30.17 33.15 -16.33
CA ASP D 175 -30.53 34.54 -16.59
C ASP D 175 -31.93 34.55 -17.19
N HIS D 176 -32.93 34.35 -16.31
CA HIS D 176 -34.32 34.25 -16.74
C HIS D 176 -34.93 35.59 -17.09
N GLN D 177 -34.36 36.69 -16.60
CA GLN D 177 -34.86 38.05 -16.88
C GLN D 177 -36.31 38.22 -16.45
N GLY D 178 -36.72 37.52 -15.39
CA GLY D 178 -38.06 37.60 -14.88
C GLY D 178 -39.00 36.52 -15.38
N CYS D 179 -38.60 35.77 -16.40
CA CYS D 179 -39.44 34.72 -16.95
C CYS D 179 -39.50 33.53 -15.98
N PRO D 180 -40.67 33.11 -15.54
CA PRO D 180 -40.76 31.94 -14.66
C PRO D 180 -40.40 30.67 -15.41
N PHE D 181 -40.10 29.63 -14.63
CA PHE D 181 -39.70 28.35 -15.20
C PHE D 181 -40.88 27.70 -15.90
N GLN D 182 -40.72 27.44 -17.21
CA GLN D 182 -41.73 26.73 -17.99
C GLN D 182 -41.28 25.30 -18.17
N PRO D 183 -41.90 24.33 -17.53
CA PRO D 183 -41.42 22.94 -17.64
C PRO D 183 -41.63 22.39 -19.05
N TRP D 184 -40.68 21.58 -19.49
CA TRP D 184 -40.76 20.96 -20.81
C TRP D 184 -41.61 19.69 -20.74
N ASP D 185 -41.97 19.19 -21.92
CA ASP D 185 -42.75 17.96 -22.01
C ASP D 185 -41.90 16.78 -21.54
N GLY D 186 -42.43 16.01 -20.61
CA GLY D 186 -41.75 14.84 -20.09
C GLY D 186 -40.85 15.09 -18.91
N LEU D 187 -40.92 16.28 -18.29
CA LEU D 187 -40.09 16.57 -17.13
C LEU D 187 -40.48 15.67 -15.96
N ASP D 188 -41.75 15.74 -15.55
CA ASP D 188 -42.21 14.94 -14.42
C ASP D 188 -42.19 13.45 -14.74
N GLU D 189 -42.44 13.07 -16.01
CA GLU D 189 -42.43 11.67 -16.38
C GLU D 189 -41.04 11.06 -16.20
N HIS D 190 -40.05 11.62 -16.90
CA HIS D 190 -38.69 11.12 -16.78
C HIS D 190 -38.17 11.27 -15.35
N SER D 191 -38.60 12.32 -14.65
CA SER D 191 -38.20 12.49 -13.26
C SER D 191 -38.73 11.37 -12.38
N GLN D 192 -39.98 10.96 -12.62
CA GLN D 192 -40.55 9.84 -11.87
C GLN D 192 -39.84 8.54 -12.20
N ALA D 193 -39.59 8.29 -13.51
CA ALA D 193 -38.93 7.05 -13.91
C ALA D 193 -37.53 6.95 -13.31
N LEU D 194 -36.74 8.02 -13.45
CA LEU D 194 -35.38 8.01 -12.89
C LEU D 194 -35.40 7.95 -11.37
N SER D 195 -36.38 8.59 -10.75
CA SER D 195 -36.54 8.49 -9.30
C SER D 195 -36.81 7.06 -8.88
N GLY D 196 -37.59 6.33 -9.66
CA GLY D 196 -37.84 4.93 -9.36
C GLY D 196 -36.61 4.06 -9.56
N ARG D 197 -35.86 4.31 -10.64
CA ARG D 197 -34.62 3.57 -10.88
C ARG D 197 -33.63 3.78 -9.74
N LEU D 198 -33.42 5.04 -9.35
CA LEU D 198 -32.51 5.32 -8.23
C LEU D 198 -33.04 4.73 -6.93
N ARG D 199 -34.35 4.78 -6.74
CA ARG D 199 -34.96 4.15 -5.57
C ARG D 199 -34.68 2.66 -5.53
N ALA D 200 -34.60 2.01 -6.69
CA ALA D 200 -34.27 0.60 -6.74
C ALA D 200 -32.77 0.37 -6.59
N ILE D 201 -31.94 1.35 -6.97
CA ILE D 201 -30.49 1.17 -6.88
C ILE D 201 -30.02 1.32 -5.43
N LEU D 202 -30.57 2.30 -4.70
CA LEU D 202 -30.10 2.57 -3.34
C LEU D 202 -30.92 1.81 -2.30
N GLN D 203 -30.90 0.49 -2.42
CA GLN D 203 -31.61 -0.40 -1.51
C GLN D 203 -30.65 -1.23 -0.64
N ASN D 204 -29.56 -0.61 -0.19
CA ASN D 204 -28.64 -1.28 0.72
C ASN D 204 -28.81 -0.76 2.14
#